data_3SDU
#
_entry.id   3SDU
#
_cell.length_a   156.327
_cell.length_b   54.994
_cell.length_c   126.330
_cell.angle_alpha   90.00
_cell.angle_beta   119.30
_cell.angle_gamma   90.00
#
_symmetry.space_group_name_H-M   'C 1 2 1'
#
loop_
_entity.id
_entity.type
_entity.pdbx_description
1 polymer 'Alpha-bisabolene synthase'
2 non-polymer 'CHLORIDE ION'
3 non-polymer 'MAGNESIUM ION'
4 non-polymer 'GERANYL S-THIOLODIPHOSPHATE'
5 water water
#
_entity_poly.entity_id   1
_entity_poly.type   'polypeptide(L)'
_entity_poly.pdbx_seq_one_letter_code
;MAGVSAVSKVSSLVCDLSSTSGLIRRTANPHPNVWGYDLVHSLKSPYIDSSYRERAEVLVSEIKAMLNPAITGDGESMIT
PSAYDTAWVARVPAIDGSARPQFPQTVDWILKNQLKDGSWGIQSHFLLSDRLLATLSCVLVLLKWNVGDLQVEQGIEFIK
SNLELVKDETDQDSLVTDFEIIFPSLLREAQSLRLGLPYDLPYIHLLQTKRQERLAKLSREEIYAVPSPLLYSLEGIQDI
VEWERIMEVQSQDGSFLSSPASTACVFMHTGDAKCLEFLNSVMIKFGNFVPCLYPVDLLERLLIVDNIVRLGIYRHFEKE
IKEALDYVYRHWNERGIGWGRLNPIADLETTALGFRLLRLHRYNVSPAIFDNFKDANGKFICSTGQFNKDVASMLNLYRA
SQLAFPGENILDEAKSFATKYLREALEKSETSSAWNNKQNLSQEIKYALKTSWHASVPRVEAKRYCQVYRPDYARIAKCV
YKLPYVNNEKFLELGKLDFNIIQSIHQEEMKNVTSWFRDSGLPLFTFARERPLEFYFLVAAGTYEPQYAKCRFLFTKVAC
LQTVLDDMYDTYGTLDELKLFTEAVRRWDLSFTENLPDYMKLCYQIYYDIVHEVAWEAEKEQGRELVSFFRKGWEDYLLG
YYEEAEWLAAEYVPTLDEYIKNGITSIGQRILLLSGVLIMDGQLLSQEALEKVDYPGRRVLTELNSLISRLADDTKTYKA
EKARGELASSIECYMKDHPECTEEEALDHIYSILEPAVKELTREFLKPDDVPFACKKMLFEETRVTMVIFKDGDGFGVSK
LEVKDHIKECLIEPLPL
;
_entity_poly.pdbx_strand_id   A
#
# COMPACT_ATOMS: atom_id res chain seq x y z
N TRP A 35 -2.20 20.89 25.52
CA TRP A 35 -1.79 19.48 25.42
C TRP A 35 -2.25 18.68 26.66
N GLY A 36 -1.99 17.37 26.65
CA GLY A 36 -2.30 16.53 27.79
C GLY A 36 -3.75 16.58 28.25
N TYR A 37 -3.94 16.68 29.56
CA TYR A 37 -5.28 16.60 30.17
C TYR A 37 -6.27 17.61 29.62
N ASP A 38 -5.86 18.88 29.60
CA ASP A 38 -6.75 19.99 29.21
C ASP A 38 -7.18 19.92 27.76
N LEU A 39 -6.25 19.63 26.85
CA LEU A 39 -6.59 19.50 25.44
C LEU A 39 -7.59 18.37 25.25
N VAL A 40 -7.29 17.24 25.86
CA VAL A 40 -8.03 16.02 25.58
C VAL A 40 -9.45 16.06 26.13
N HIS A 41 -9.62 16.60 27.34
CA HIS A 41 -10.95 16.71 27.93
C HIS A 41 -11.80 17.80 27.29
N SER A 42 -11.19 18.63 26.45
CA SER A 42 -11.93 19.65 25.71
C SER A 42 -12.51 19.11 24.40
N LEU A 43 -12.11 17.89 24.03
CA LEU A 43 -12.62 17.26 22.82
C LEU A 43 -14.04 16.72 23.09
N LYS A 44 -14.95 16.96 22.15
CA LYS A 44 -16.32 16.48 22.26
C LYS A 44 -16.79 15.96 20.91
N SER A 45 -16.29 14.81 20.50
CA SER A 45 -16.64 14.29 19.18
C SER A 45 -18.05 13.70 19.13
N PRO A 46 -18.82 14.08 18.11
CA PRO A 46 -20.18 13.55 17.92
C PRO A 46 -20.16 12.09 17.46
N TYR A 47 -19.06 11.64 16.83
CA TYR A 47 -19.01 10.32 16.17
C TYR A 47 -19.01 9.14 17.10
N ILE A 48 -19.00 9.41 18.40
CA ILE A 48 -19.04 8.39 19.42
C ILE A 48 -20.45 7.80 19.57
N ASP A 49 -21.46 8.57 19.18
CA ASP A 49 -22.85 8.14 19.31
C ASP A 49 -23.09 6.89 18.48
N SER A 50 -23.89 5.97 19.01
CA SER A 50 -24.15 4.68 18.34
C SER A 50 -24.69 4.83 16.91
N SER A 51 -25.40 5.93 16.64
CA SER A 51 -26.00 6.12 15.32
C SER A 51 -24.96 6.12 14.19
N TYR A 52 -23.77 6.65 14.47
CA TYR A 52 -22.72 6.68 13.45
C TYR A 52 -22.20 5.29 13.10
N ARG A 53 -21.98 4.46 14.11
CA ARG A 53 -21.60 3.07 13.85
C ARG A 53 -22.72 2.31 13.15
N GLU A 54 -23.97 2.58 13.52
CA GLU A 54 -25.09 1.92 12.83
C GLU A 54 -25.11 2.30 11.35
N ARG A 55 -24.83 3.57 11.06
CA ARG A 55 -24.73 4.03 9.68
C ARG A 55 -23.58 3.34 8.96
N ALA A 56 -22.43 3.25 9.61
CA ALA A 56 -21.27 2.60 9.00
C ALA A 56 -21.60 1.15 8.67
N GLU A 57 -22.40 0.50 9.51
CA GLU A 57 -22.79 -0.89 9.27
C GLU A 57 -23.70 -1.02 8.04
N VAL A 58 -24.52 -0.01 7.79
CA VAL A 58 -25.34 -0.01 6.59
C VAL A 58 -24.43 0.14 5.37
N LEU A 59 -23.45 1.03 5.46
CA LEU A 59 -22.49 1.17 4.35
C LEU A 59 -21.74 -0.14 4.11
N VAL A 60 -21.35 -0.82 5.18
CA VAL A 60 -20.68 -2.12 5.04
C VAL A 60 -21.56 -3.12 4.29
N SER A 61 -22.84 -3.22 4.66
CA SER A 61 -23.72 -4.16 3.97
CA SER A 61 -23.75 -4.13 3.98
C SER A 61 -23.94 -3.74 2.52
N GLU A 62 -24.04 -2.44 2.26
CA GLU A 62 -24.20 -1.96 0.89
C GLU A 62 -22.98 -2.33 0.03
N ILE A 63 -21.79 -2.16 0.59
CA ILE A 63 -20.56 -2.49 -0.13
C ILE A 63 -20.43 -4.00 -0.40
N LYS A 64 -20.78 -4.81 0.59
CA LYS A 64 -20.77 -6.25 0.39
CA LYS A 64 -20.77 -6.26 0.39
C LYS A 64 -21.71 -6.64 -0.76
N ALA A 65 -22.89 -6.03 -0.79
CA ALA A 65 -23.82 -6.29 -1.90
C ALA A 65 -23.24 -5.83 -3.24
N MET A 66 -22.63 -4.65 -3.25
CA MET A 66 -22.08 -4.12 -4.49
C MET A 66 -20.98 -5.01 -5.04
N LEU A 67 -20.16 -5.56 -4.14
CA LEU A 67 -18.99 -6.35 -4.53
C LEU A 67 -19.33 -7.80 -4.85
N ASN A 68 -20.48 -8.25 -4.39
CA ASN A 68 -20.80 -9.66 -4.49
C ASN A 68 -20.67 -10.27 -5.89
N PRO A 69 -21.20 -9.58 -6.92
CA PRO A 69 -21.07 -10.11 -8.28
C PRO A 69 -19.61 -10.25 -8.72
N ALA A 70 -18.74 -9.33 -8.29
CA ALA A 70 -17.32 -9.38 -8.69
C ALA A 70 -16.54 -10.48 -8.00
N ILE A 71 -17.03 -10.91 -6.85
CA ILE A 71 -16.26 -11.81 -5.98
C ILE A 71 -16.86 -13.21 -5.93
N THR A 72 -18.19 -13.28 -5.94
CA THR A 72 -18.96 -14.51 -5.73
C THR A 72 -19.77 -14.90 -6.95
N GLY A 73 -20.20 -13.90 -7.72
CA GLY A 73 -21.05 -14.14 -8.87
C GLY A 73 -20.35 -14.16 -10.22
N ASP A 74 -21.07 -13.68 -11.24
CA ASP A 74 -20.58 -13.69 -12.61
C ASP A 74 -20.53 -12.29 -13.20
N GLY A 75 -20.74 -11.29 -12.34
CA GLY A 75 -20.70 -9.91 -12.74
C GLY A 75 -19.30 -9.31 -12.60
N GLU A 76 -18.29 -10.18 -12.69
CA GLU A 76 -16.90 -9.74 -12.66
C GLU A 76 -16.64 -8.75 -13.78
N SER A 77 -15.46 -8.12 -13.76
CA SER A 77 -15.07 -7.14 -14.78
C SER A 77 -16.16 -6.10 -15.09
N MET A 78 -16.46 -5.26 -14.11
CA MET A 78 -17.34 -4.11 -14.34
C MET A 78 -16.50 -2.92 -14.85
N ILE A 79 -16.64 -2.64 -16.13
CA ILE A 79 -15.76 -1.70 -16.82
C ILE A 79 -16.60 -0.93 -17.84
N THR A 80 -16.29 0.35 -18.02
CA THR A 80 -17.06 1.26 -18.88
C THR A 80 -16.91 0.96 -20.39
N PRO A 81 -17.82 1.49 -21.23
CA PRO A 81 -17.71 1.24 -22.67
C PRO A 81 -16.47 1.85 -23.30
N SER A 82 -15.93 1.15 -24.29
CA SER A 82 -14.91 1.71 -25.17
C SER A 82 -15.55 2.03 -26.50
N ALA A 83 -15.75 3.31 -26.79
CA ALA A 83 -16.29 3.69 -28.09
C ALA A 83 -15.36 3.23 -29.21
N TYR A 84 -14.06 3.36 -28.98
CA TYR A 84 -13.08 2.91 -29.96
C TYR A 84 -13.24 1.44 -30.31
N ASP A 85 -13.28 0.58 -29.29
CA ASP A 85 -13.37 -0.86 -29.50
C ASP A 85 -14.73 -1.25 -30.05
N THR A 86 -15.75 -0.55 -29.57
CA THR A 86 -17.11 -0.85 -30.00
C THR A 86 -17.24 -0.62 -31.51
N ALA A 87 -16.53 0.38 -32.02
CA ALA A 87 -16.55 0.68 -33.45
C ALA A 87 -15.85 -0.43 -34.25
N TRP A 88 -14.77 -0.99 -33.69
CA TRP A 88 -14.10 -2.11 -34.35
C TRP A 88 -14.99 -3.36 -34.41
N VAL A 89 -15.72 -3.64 -33.33
CA VAL A 89 -16.65 -4.76 -33.32
C VAL A 89 -17.78 -4.48 -34.33
N ALA A 90 -18.22 -3.23 -34.39
CA ALA A 90 -19.25 -2.83 -35.34
C ALA A 90 -18.83 -3.03 -36.80
N ARG A 91 -17.53 -3.14 -37.05
CA ARG A 91 -17.06 -3.34 -38.43
C ARG A 91 -17.38 -4.73 -38.96
N VAL A 92 -17.42 -5.71 -38.06
CA VAL A 92 -17.54 -7.11 -38.48
C VAL A 92 -18.79 -7.34 -39.33
N PRO A 93 -18.61 -7.82 -40.58
CA PRO A 93 -19.79 -8.08 -41.42
C PRO A 93 -20.56 -9.32 -40.98
N ALA A 94 -21.86 -9.34 -41.26
CA ALA A 94 -22.70 -10.47 -40.91
C ALA A 94 -22.09 -11.75 -41.45
N ILE A 95 -21.99 -12.79 -40.63
CA ILE A 95 -21.38 -14.04 -41.06
C ILE A 95 -22.24 -14.79 -42.08
N ASP A 96 -23.49 -14.35 -42.25
CA ASP A 96 -24.35 -14.95 -43.25
C ASP A 96 -24.13 -14.35 -44.64
N GLY A 97 -23.18 -13.41 -44.74
CA GLY A 97 -22.80 -12.86 -46.03
C GLY A 97 -23.61 -11.67 -46.51
N SER A 98 -24.64 -11.30 -45.73
CA SER A 98 -25.46 -10.14 -46.08
C SER A 98 -24.73 -8.81 -45.80
N ALA A 99 -25.22 -7.74 -46.41
CA ALA A 99 -24.57 -6.43 -46.35
C ALA A 99 -24.97 -5.65 -45.09
N ARG A 100 -24.65 -6.19 -43.93
CA ARG A 100 -24.93 -5.54 -42.65
C ARG A 100 -24.01 -6.07 -41.56
N PRO A 101 -23.93 -5.36 -40.43
CA PRO A 101 -23.03 -5.77 -39.35
C PRO A 101 -23.47 -7.08 -38.67
N GLN A 102 -22.50 -7.87 -38.20
CA GLN A 102 -22.82 -9.07 -37.44
C GLN A 102 -23.45 -8.69 -36.10
N PHE A 103 -23.03 -7.54 -35.57
CA PHE A 103 -23.49 -7.04 -34.26
C PHE A 103 -24.11 -5.66 -34.41
N PRO A 104 -25.33 -5.59 -34.98
CA PRO A 104 -25.98 -4.33 -35.34
C PRO A 104 -26.23 -3.44 -34.13
N GLN A 105 -26.36 -4.03 -32.96
CA GLN A 105 -26.57 -3.25 -31.74
C GLN A 105 -25.39 -2.31 -31.43
N THR A 106 -24.18 -2.67 -31.86
CA THR A 106 -23.03 -1.79 -31.63
C THR A 106 -23.10 -0.53 -32.49
N VAL A 107 -23.65 -0.65 -33.70
CA VAL A 107 -23.83 0.51 -34.55
C VAL A 107 -24.87 1.44 -33.92
N ASP A 108 -25.95 0.87 -33.41
CA ASP A 108 -26.96 1.68 -32.75
CA ASP A 108 -26.97 1.64 -32.72
C ASP A 108 -26.38 2.39 -31.52
N TRP A 109 -25.53 1.68 -30.77
CA TRP A 109 -24.88 2.29 -29.61
C TRP A 109 -24.09 3.51 -30.04
N ILE A 110 -23.30 3.35 -31.10
CA ILE A 110 -22.44 4.42 -31.56
C ILE A 110 -23.27 5.63 -32.00
N LEU A 111 -24.35 5.36 -32.72
CA LEU A 111 -25.22 6.43 -33.20
C LEU A 111 -25.85 7.22 -32.05
N LYS A 112 -26.05 6.56 -30.92
CA LYS A 112 -26.78 7.18 -29.80
C LYS A 112 -25.87 7.77 -28.72
N ASN A 113 -24.57 7.52 -28.82
CA ASN A 113 -23.67 7.91 -27.74
C ASN A 113 -22.60 8.93 -28.09
N GLN A 114 -22.82 9.68 -29.17
CA GLN A 114 -21.91 10.76 -29.50
C GLN A 114 -22.01 11.87 -28.45
N LEU A 115 -20.86 12.45 -28.08
CA LEU A 115 -20.86 13.57 -27.14
C LEU A 115 -21.22 14.86 -27.87
N LYS A 116 -21.56 15.90 -27.10
CA LYS A 116 -22.05 17.14 -27.66
C LYS A 116 -21.03 17.81 -28.57
N ASP A 117 -19.74 17.64 -28.29
CA ASP A 117 -18.72 18.30 -29.10
C ASP A 117 -18.39 17.52 -30.38
N GLY A 118 -19.08 16.41 -30.61
CA GLY A 118 -18.84 15.58 -31.79
C GLY A 118 -17.91 14.40 -31.57
N SER A 119 -17.29 14.33 -30.39
CA SER A 119 -16.41 13.21 -30.09
C SER A 119 -17.19 12.06 -29.43
N TRP A 120 -16.56 10.91 -29.32
CA TRP A 120 -17.05 9.82 -28.48
C TRP A 120 -16.04 9.61 -27.36
N GLY A 121 -16.53 9.33 -26.16
CA GLY A 121 -15.68 9.07 -25.01
C GLY A 121 -16.47 9.23 -23.73
N ILE A 122 -15.78 9.26 -22.60
CA ILE A 122 -16.47 9.41 -21.32
C ILE A 122 -16.50 10.91 -20.99
N GLN A 123 -17.71 11.46 -20.85
CA GLN A 123 -17.88 12.91 -20.72
C GLN A 123 -17.15 13.53 -19.52
N SER A 124 -17.05 12.79 -18.42
CA SER A 124 -16.49 13.34 -17.19
C SER A 124 -15.01 13.71 -17.34
N HIS A 125 -14.33 13.06 -18.27
CA HIS A 125 -12.90 13.25 -18.45
C HIS A 125 -12.58 13.52 -19.91
N PHE A 126 -11.83 14.57 -20.19
CA PHE A 126 -11.39 14.83 -21.56
C PHE A 126 -9.89 14.51 -21.70
N LEU A 127 -9.59 13.57 -22.60
CA LEU A 127 -8.21 13.29 -22.97
C LEU A 127 -8.11 13.33 -24.49
N LEU A 128 -7.36 14.29 -25.02
CA LEU A 128 -7.31 14.47 -26.48
C LEU A 128 -7.08 13.18 -27.27
N SER A 129 -6.07 12.40 -26.92
CA SER A 129 -5.73 11.21 -27.70
C SER A 129 -6.85 10.18 -27.65
N ASP A 130 -7.49 10.06 -26.50
CA ASP A 130 -8.63 9.18 -26.34
C ASP A 130 -9.76 9.62 -27.28
N ARG A 131 -10.08 10.92 -27.27
CA ARG A 131 -11.18 11.41 -28.11
C ARG A 131 -10.86 11.31 -29.60
N LEU A 132 -9.60 11.57 -29.96
CA LEU A 132 -9.18 11.48 -31.36
C LEU A 132 -9.33 10.05 -31.87
N LEU A 133 -8.78 9.11 -31.13
CA LEU A 133 -8.78 7.70 -31.54
C LEU A 133 -10.22 7.16 -31.61
N ALA A 134 -10.98 7.36 -30.55
CA ALA A 134 -12.34 6.85 -30.52
C ALA A 134 -13.21 7.48 -31.61
N THR A 135 -13.07 8.79 -31.79
CA THR A 135 -13.92 9.50 -32.74
C THR A 135 -13.60 9.08 -34.17
N LEU A 136 -12.32 8.97 -34.50
CA LEU A 136 -11.95 8.54 -35.85
C LEU A 136 -12.41 7.08 -36.07
N SER A 137 -12.28 6.25 -35.04
CA SER A 137 -12.74 4.86 -35.10
C SER A 137 -14.25 4.76 -35.41
N CYS A 138 -15.04 5.52 -34.67
CA CYS A 138 -16.50 5.60 -34.88
C CYS A 138 -16.89 6.18 -36.23
N VAL A 139 -16.24 7.29 -36.63
CA VAL A 139 -16.54 7.89 -37.92
C VAL A 139 -16.35 6.87 -39.06
N LEU A 140 -15.27 6.10 -39.01
CA LEU A 140 -14.98 5.18 -40.11
C LEU A 140 -15.99 4.03 -40.22
N VAL A 141 -16.48 3.52 -39.09
CA VAL A 141 -17.41 2.39 -39.16
C VAL A 141 -18.80 2.86 -39.56
N LEU A 142 -19.16 4.08 -39.18
CA LEU A 142 -20.44 4.63 -39.62
C LEU A 142 -20.41 4.78 -41.15
N LEU A 143 -19.26 5.23 -41.66
CA LEU A 143 -19.08 5.34 -43.11
C LEU A 143 -19.14 3.96 -43.78
N LYS A 144 -18.51 2.96 -43.17
CA LYS A 144 -18.54 1.60 -43.73
C LYS A 144 -19.98 1.14 -44.00
N TRP A 145 -20.86 1.40 -43.04
CA TRP A 145 -22.25 0.97 -43.16
C TRP A 145 -23.19 2.03 -43.74
N ASN A 146 -22.62 3.14 -44.19
CA ASN A 146 -23.41 4.21 -44.81
C ASN A 146 -24.57 4.69 -43.94
N VAL A 147 -24.28 4.95 -42.67
CA VAL A 147 -25.26 5.49 -41.74
C VAL A 147 -24.69 6.68 -40.98
N GLY A 148 -25.54 7.34 -40.21
CA GLY A 148 -25.12 8.40 -39.31
C GLY A 148 -24.43 9.58 -39.98
N ASP A 149 -25.03 10.12 -41.05
CA ASP A 149 -24.44 11.26 -41.75
C ASP A 149 -24.10 12.41 -40.80
N LEU A 150 -25.01 12.72 -39.88
CA LEU A 150 -24.84 13.85 -38.98
C LEU A 150 -23.70 13.60 -37.99
N GLN A 151 -23.66 12.39 -37.46
CA GLN A 151 -22.64 12.00 -36.49
C GLN A 151 -21.26 12.06 -37.13
N VAL A 152 -21.18 11.61 -38.37
CA VAL A 152 -19.93 11.61 -39.12
C VAL A 152 -19.43 13.05 -39.32
N GLU A 153 -20.33 13.92 -39.77
CA GLU A 153 -20.00 15.32 -39.99
C GLU A 153 -19.46 15.97 -38.72
N GLN A 154 -20.14 15.74 -37.61
CA GLN A 154 -19.74 16.29 -36.31
C GLN A 154 -18.44 15.66 -35.78
N GLY A 155 -18.20 14.39 -36.10
CA GLY A 155 -16.99 13.73 -35.67
C GLY A 155 -15.79 14.24 -36.43
N ILE A 156 -15.96 14.46 -37.72
CA ILE A 156 -14.89 14.94 -38.56
C ILE A 156 -14.49 16.35 -38.11
N GLU A 157 -15.48 17.18 -37.82
CA GLU A 157 -15.24 18.54 -37.33
C GLU A 157 -14.45 18.52 -36.02
N PHE A 158 -14.83 17.63 -35.10
CA PHE A 158 -14.11 17.51 -33.85
C PHE A 158 -12.64 17.17 -34.10
N ILE A 159 -12.41 16.18 -34.96
CA ILE A 159 -11.05 15.73 -35.23
C ILE A 159 -10.21 16.83 -35.86
N LYS A 160 -10.75 17.46 -36.89
CA LYS A 160 -10.04 18.53 -37.58
C LYS A 160 -9.72 19.69 -36.65
N SER A 161 -10.73 20.18 -35.95
CA SER A 161 -10.58 21.35 -35.07
CA SER A 161 -10.55 21.36 -35.11
C SER A 161 -9.59 21.11 -33.95
N ASN A 162 -9.66 19.93 -33.33
CA ASN A 162 -8.78 19.64 -32.22
C ASN A 162 -7.33 19.37 -32.63
N LEU A 163 -7.15 18.75 -33.80
CA LEU A 163 -5.82 18.51 -34.35
C LEU A 163 -5.13 19.83 -34.69
N GLU A 164 -5.92 20.84 -35.05
CA GLU A 164 -5.37 22.13 -35.44
C GLU A 164 -4.99 22.99 -34.24
N LEU A 165 -5.48 22.60 -33.06
CA LEU A 165 -5.12 23.27 -31.82
C LEU A 165 -3.76 22.82 -31.31
N VAL A 166 -3.30 21.64 -31.74
CA VAL A 166 -1.99 21.16 -31.30
C VAL A 166 -0.91 22.04 -31.91
N LYS A 167 -0.16 22.72 -31.06
CA LYS A 167 0.92 23.58 -31.53
C LYS A 167 2.25 22.85 -31.48
N ASP A 168 2.59 22.31 -30.31
CA ASP A 168 3.81 21.54 -30.13
C ASP A 168 3.52 20.21 -29.43
N GLU A 169 4.57 19.42 -29.22
CA GLU A 169 4.42 18.08 -28.65
C GLU A 169 3.86 18.12 -27.22
N THR A 170 4.24 19.13 -26.45
CA THR A 170 3.77 19.26 -25.08
C THR A 170 2.28 19.63 -25.02
N ASP A 171 1.64 19.70 -26.18
CA ASP A 171 0.20 19.96 -26.25
C ASP A 171 -0.60 18.67 -26.39
N GLN A 172 0.08 17.56 -26.67
CA GLN A 172 -0.64 16.34 -27.03
C GLN A 172 -1.34 15.72 -25.82
N ASP A 173 -0.75 15.90 -24.63
CA ASP A 173 -1.31 15.32 -23.40
C ASP A 173 -1.02 13.81 -23.35
N SER A 174 -1.53 13.13 -22.32
CA SER A 174 -1.27 11.71 -22.12
C SER A 174 -1.79 10.85 -23.28
N LEU A 175 -1.04 9.83 -23.68
CA LEU A 175 -1.43 9.00 -24.81
C LEU A 175 -2.04 7.66 -24.41
N VAL A 176 -3.20 7.36 -24.99
CA VAL A 176 -3.79 6.04 -24.86
C VAL A 176 -2.84 5.00 -25.43
N THR A 177 -3.04 3.75 -25.03
CA THR A 177 -2.15 2.67 -25.41
C THR A 177 -1.96 2.57 -26.91
N ASP A 178 -0.70 2.60 -27.34
CA ASP A 178 -0.32 2.42 -28.75
C ASP A 178 -0.91 3.47 -29.68
N PHE A 179 -1.23 4.64 -29.15
CA PHE A 179 -1.75 5.72 -29.98
C PHE A 179 -0.84 6.03 -31.17
N GLU A 180 0.46 6.12 -30.90
CA GLU A 180 1.42 6.50 -31.94
C GLU A 180 1.46 5.47 -33.07
N ILE A 181 1.19 4.21 -32.73
CA ILE A 181 1.15 3.15 -33.74
C ILE A 181 -0.17 3.19 -34.50
N ILE A 182 -1.28 3.29 -33.76
CA ILE A 182 -2.61 3.10 -34.34
C ILE A 182 -3.14 4.32 -35.07
N PHE A 183 -2.95 5.51 -34.51
CA PHE A 183 -3.59 6.67 -35.11
C PHE A 183 -3.16 6.95 -36.56
N PRO A 184 -1.85 6.88 -36.85
CA PRO A 184 -1.45 7.11 -38.25
C PRO A 184 -2.06 6.07 -39.19
N SER A 185 -2.24 4.85 -38.71
CA SER A 185 -2.84 3.77 -39.51
C SER A 185 -4.31 4.08 -39.80
N LEU A 186 -5.04 4.46 -38.76
CA LEU A 186 -6.46 4.77 -38.88
C LEU A 186 -6.66 6.03 -39.72
N LEU A 187 -5.74 6.97 -39.57
CA LEU A 187 -5.81 8.23 -40.29
C LEU A 187 -5.50 8.04 -41.78
N ARG A 188 -4.64 7.07 -42.11
CA ARG A 188 -4.40 6.73 -43.51
C ARG A 188 -5.61 6.06 -44.15
N GLU A 189 -6.36 5.30 -43.35
CA GLU A 189 -7.63 4.75 -43.83
C GLU A 189 -8.61 5.87 -44.22
N ALA A 190 -8.73 6.88 -43.36
CA ALA A 190 -9.57 8.03 -43.68
C ALA A 190 -9.06 8.75 -44.93
N GLN A 191 -7.74 8.83 -45.06
CA GLN A 191 -7.14 9.55 -46.17
C GLN A 191 -7.53 8.89 -47.50
N SER A 192 -7.55 7.57 -47.51
CA SER A 192 -7.87 6.82 -48.73
C SER A 192 -9.34 7.05 -49.12
N LEU A 193 -10.17 7.40 -48.14
CA LEU A 193 -11.56 7.76 -48.39
C LEU A 193 -11.73 9.25 -48.69
N ARG A 194 -10.63 9.98 -48.70
CA ARG A 194 -10.63 11.43 -48.94
C ARG A 194 -11.50 12.25 -47.95
N LEU A 195 -11.49 11.87 -46.68
CA LEU A 195 -12.20 12.65 -45.68
C LEU A 195 -11.49 13.98 -45.45
N GLY A 196 -12.27 15.00 -45.09
CA GLY A 196 -11.72 16.33 -44.89
C GLY A 196 -10.98 16.48 -43.58
N LEU A 197 -9.80 15.87 -43.49
CA LEU A 197 -8.96 15.97 -42.30
C LEU A 197 -7.59 16.53 -42.64
N PRO A 198 -6.96 17.21 -41.66
CA PRO A 198 -5.67 17.89 -41.89
C PRO A 198 -4.48 16.93 -41.88
N TYR A 199 -4.33 16.11 -42.91
CA TYR A 199 -3.31 15.06 -42.93
C TYR A 199 -1.87 15.60 -42.91
N ASP A 200 -1.70 16.86 -43.33
CA ASP A 200 -0.37 17.43 -43.51
C ASP A 200 0.11 18.24 -42.31
N LEU A 201 -0.61 18.18 -41.20
CA LEU A 201 -0.17 18.86 -39.98
C LEU A 201 1.15 18.24 -39.48
N PRO A 202 2.07 19.10 -39.00
CA PRO A 202 3.34 18.63 -38.45
C PRO A 202 3.14 17.56 -37.37
N TYR A 203 2.14 17.76 -36.51
CA TYR A 203 1.88 16.77 -35.47
C TYR A 203 1.58 15.39 -36.05
N ILE A 204 0.88 15.36 -37.19
CA ILE A 204 0.61 14.09 -37.87
C ILE A 204 1.88 13.44 -38.40
N HIS A 205 2.76 14.23 -39.01
CA HIS A 205 4.03 13.72 -39.49
C HIS A 205 4.89 13.19 -38.33
N LEU A 206 4.87 13.91 -37.21
CA LEU A 206 5.59 13.48 -36.02
C LEU A 206 5.09 12.13 -35.50
N LEU A 207 3.78 11.93 -35.53
CA LEU A 207 3.22 10.67 -35.08
C LEU A 207 3.70 9.52 -35.96
N GLN A 208 3.74 9.72 -37.28
CA GLN A 208 4.25 8.68 -38.17
C GLN A 208 5.73 8.40 -37.86
N THR A 209 6.49 9.45 -37.58
CA THR A 209 7.88 9.28 -37.14
C THR A 209 7.97 8.43 -35.87
N LYS A 210 7.11 8.71 -34.89
CA LYS A 210 7.09 7.92 -33.66
C LYS A 210 6.70 6.47 -33.95
N ARG A 211 5.70 6.29 -34.80
CA ARG A 211 5.29 4.95 -35.21
C ARG A 211 6.49 4.14 -35.76
N GLN A 212 7.27 4.74 -36.64
CA GLN A 212 8.48 4.09 -37.15
C GLN A 212 9.47 3.75 -36.03
N GLU A 213 9.68 4.70 -35.12
CA GLU A 213 10.58 4.48 -34.00
C GLU A 213 10.17 3.22 -33.23
N ARG A 214 8.88 3.07 -32.97
CA ARG A 214 8.38 1.92 -32.23
C ARG A 214 8.48 0.62 -33.03
N LEU A 215 8.13 0.68 -34.31
CA LEU A 215 8.14 -0.50 -35.16
C LEU A 215 9.54 -1.06 -35.42
N ALA A 216 10.55 -0.21 -35.22
CA ALA A 216 11.94 -0.59 -35.51
C ALA A 216 12.46 -1.63 -34.53
N LYS A 217 12.10 -1.50 -33.26
CA LYS A 217 12.57 -2.45 -32.24
C LYS A 217 11.76 -3.74 -32.26
N LEU A 218 10.79 -3.83 -33.16
CA LEU A 218 9.92 -4.99 -33.23
C LEU A 218 10.64 -6.23 -33.70
N SER A 219 10.48 -7.33 -32.96
CA SER A 219 10.93 -8.64 -33.41
C SER A 219 9.78 -9.27 -34.20
N ARG A 220 9.81 -9.18 -35.53
CA ARG A 220 8.63 -9.55 -36.30
C ARG A 220 8.37 -11.06 -36.39
N GLU A 221 9.42 -11.83 -36.64
CA GLU A 221 9.27 -13.28 -36.70
C GLU A 221 8.71 -13.80 -35.37
N GLU A 222 9.16 -13.21 -34.27
CA GLU A 222 8.72 -13.63 -32.95
C GLU A 222 7.29 -13.20 -32.58
N ILE A 223 6.67 -12.34 -33.38
CA ILE A 223 5.28 -11.96 -33.12
C ILE A 223 4.46 -13.24 -33.07
N TYR A 224 4.88 -14.23 -33.86
CA TYR A 224 4.06 -15.42 -34.10
C TYR A 224 4.31 -16.53 -33.09
N ALA A 225 5.37 -16.42 -32.31
CA ALA A 225 5.79 -17.51 -31.44
C ALA A 225 5.77 -17.11 -29.96
N VAL A 226 6.09 -15.85 -29.69
CA VAL A 226 6.20 -15.34 -28.33
C VAL A 226 5.20 -14.21 -28.10
N PRO A 227 4.18 -14.45 -27.24
CA PRO A 227 3.17 -13.42 -26.97
C PRO A 227 3.82 -12.12 -26.51
N SER A 228 3.28 -10.99 -26.96
CA SER A 228 3.86 -9.69 -26.68
C SER A 228 2.75 -8.65 -26.55
N PRO A 229 3.08 -7.50 -25.95
CA PRO A 229 2.09 -6.42 -25.76
C PRO A 229 1.47 -5.95 -27.07
N LEU A 230 2.17 -6.13 -28.19
CA LEU A 230 1.62 -5.67 -29.48
C LEU A 230 0.34 -6.41 -29.91
N LEU A 231 0.12 -7.60 -29.37
CA LEU A 231 -1.10 -8.34 -29.67
C LEU A 231 -2.36 -7.58 -29.26
N TYR A 232 -2.20 -6.60 -28.39
CA TYR A 232 -3.33 -5.80 -27.88
C TYR A 232 -3.84 -4.82 -28.94
N SER A 233 -3.05 -4.64 -30.00
CA SER A 233 -3.28 -3.57 -30.97
C SER A 233 -3.01 -3.97 -32.41
N LEU A 234 -3.34 -5.21 -32.76
CA LEU A 234 -3.06 -5.70 -34.11
C LEU A 234 -3.77 -4.88 -35.18
N GLU A 235 -4.88 -4.24 -34.81
CA GLU A 235 -5.66 -3.44 -35.76
C GLU A 235 -4.86 -2.24 -36.27
N GLY A 236 -3.77 -1.94 -35.58
CA GLY A 236 -2.91 -0.83 -35.96
C GLY A 236 -1.70 -1.23 -36.78
N ILE A 237 -1.46 -2.53 -36.93
CA ILE A 237 -0.31 -3.00 -37.70
C ILE A 237 -0.71 -4.05 -38.74
N GLN A 238 -1.82 -3.81 -39.43
CA GLN A 238 -2.37 -4.78 -40.37
C GLN A 238 -1.48 -5.15 -41.55
N ASP A 239 -0.63 -4.23 -42.00
CA ASP A 239 0.26 -4.52 -43.12
C ASP A 239 1.44 -5.41 -42.71
N ILE A 240 1.69 -5.50 -41.41
CA ILE A 240 2.84 -6.24 -40.89
C ILE A 240 2.50 -7.70 -40.57
N VAL A 241 1.30 -7.93 -40.08
CA VAL A 241 0.95 -9.23 -39.54
C VAL A 241 0.55 -10.25 -40.62
N GLU A 242 1.22 -11.40 -40.62
CA GLU A 242 0.77 -12.53 -41.42
C GLU A 242 -0.34 -13.23 -40.65
N TRP A 243 -1.58 -12.96 -41.07
CA TRP A 243 -2.75 -13.46 -40.33
C TRP A 243 -2.77 -14.99 -40.29
N GLU A 244 -2.11 -15.62 -41.25
CA GLU A 244 -2.12 -17.08 -41.33
C GLU A 244 -1.22 -17.72 -40.27
N ARG A 245 -0.45 -16.90 -39.57
CA ARG A 245 0.49 -17.39 -38.56
C ARG A 245 0.15 -16.89 -37.15
N ILE A 246 -0.76 -15.92 -37.06
CA ILE A 246 -0.99 -15.23 -35.79
C ILE A 246 -1.79 -16.04 -34.76
N MET A 247 -2.49 -17.09 -35.18
CA MET A 247 -3.32 -17.84 -34.24
C MET A 247 -2.53 -18.53 -33.14
N GLU A 248 -1.24 -18.75 -33.39
CA GLU A 248 -0.40 -19.43 -32.41
C GLU A 248 -0.33 -18.69 -31.08
N VAL A 249 -0.51 -17.37 -31.10
CA VAL A 249 -0.45 -16.60 -29.85
C VAL A 249 -1.80 -16.03 -29.41
N GLN A 250 -2.88 -16.60 -29.93
CA GLN A 250 -4.23 -16.28 -29.48
C GLN A 250 -4.44 -16.78 -28.06
N SER A 251 -5.20 -16.03 -27.25
CA SER A 251 -5.49 -16.46 -25.88
C SER A 251 -6.50 -17.59 -25.91
N GLN A 252 -6.59 -18.33 -24.81
CA GLN A 252 -7.47 -19.48 -24.73
C GLN A 252 -8.93 -19.13 -24.96
N ASP A 253 -9.33 -17.89 -24.65
CA ASP A 253 -10.71 -17.48 -24.82
C ASP A 253 -10.98 -16.97 -26.24
N GLY A 254 -9.94 -16.99 -27.06
CA GLY A 254 -10.05 -16.57 -28.44
C GLY A 254 -9.66 -15.13 -28.70
N SER A 255 -9.44 -14.34 -27.64
CA SER A 255 -9.04 -12.94 -27.81
C SER A 255 -7.57 -12.81 -28.20
N PHE A 256 -7.22 -11.64 -28.70
CA PHE A 256 -5.82 -11.26 -28.78
C PHE A 256 -5.53 -10.26 -27.68
N LEU A 257 -4.83 -10.78 -26.66
CA LEU A 257 -4.49 -10.06 -25.44
C LEU A 257 -5.65 -9.25 -24.87
N SER A 258 -6.83 -9.88 -24.85
CA SER A 258 -8.04 -9.32 -24.20
C SER A 258 -8.69 -8.12 -24.91
N SER A 259 -8.18 -7.75 -26.09
CA SER A 259 -8.69 -6.58 -26.80
C SER A 259 -9.80 -6.93 -27.78
N PRO A 260 -11.02 -6.38 -27.58
CA PRO A 260 -12.05 -6.63 -28.60
C PRO A 260 -11.66 -6.08 -29.96
N ALA A 261 -11.08 -4.89 -30.03
CA ALA A 261 -10.73 -4.32 -31.33
C ALA A 261 -9.73 -5.20 -32.07
N SER A 262 -8.69 -5.64 -31.36
CA SER A 262 -7.62 -6.41 -31.97
C SER A 262 -8.16 -7.77 -32.44
N THR A 263 -8.99 -8.36 -31.59
CA THR A 263 -9.67 -9.62 -31.93
C THR A 263 -10.59 -9.49 -33.15
N ALA A 264 -11.38 -8.42 -33.18
CA ALA A 264 -12.28 -8.18 -34.32
C ALA A 264 -11.50 -8.07 -35.63
N CYS A 265 -10.34 -7.43 -35.57
CA CYS A 265 -9.49 -7.27 -36.73
C CYS A 265 -9.01 -8.64 -37.22
N VAL A 266 -8.52 -9.46 -36.30
CA VAL A 266 -8.07 -10.79 -36.68
C VAL A 266 -9.23 -11.59 -37.25
N PHE A 267 -10.40 -11.49 -36.63
CA PHE A 267 -11.55 -12.21 -37.17
C PHE A 267 -11.87 -11.81 -38.61
N MET A 268 -11.86 -10.51 -38.90
CA MET A 268 -12.22 -10.06 -40.24
C MET A 268 -11.22 -10.55 -41.31
N HIS A 269 -10.00 -10.85 -40.88
CA HIS A 269 -8.97 -11.36 -41.79
C HIS A 269 -8.94 -12.89 -41.92
N THR A 270 -9.45 -13.58 -40.90
CA THR A 270 -9.25 -15.03 -40.82
C THR A 270 -10.54 -15.86 -40.79
N GLY A 271 -11.61 -15.27 -40.28
CA GLY A 271 -12.84 -16.02 -40.05
C GLY A 271 -12.69 -17.00 -38.89
N ASP A 272 -11.65 -16.80 -38.06
CA ASP A 272 -11.39 -17.71 -36.95
C ASP A 272 -12.56 -17.85 -35.97
N ALA A 273 -13.00 -19.09 -35.74
CA ALA A 273 -14.14 -19.36 -34.88
C ALA A 273 -13.97 -18.91 -33.42
N LYS A 274 -12.77 -19.07 -32.87
CA LYS A 274 -12.55 -18.69 -31.47
C LYS A 274 -12.57 -17.18 -31.28
N CYS A 275 -12.03 -16.44 -32.25
CA CYS A 275 -12.17 -14.99 -32.25
C CYS A 275 -13.64 -14.61 -32.14
N LEU A 276 -14.48 -15.20 -32.98
CA LEU A 276 -15.89 -14.87 -32.97
C LEU A 276 -16.52 -15.21 -31.61
N GLU A 277 -16.13 -16.35 -31.03
CA GLU A 277 -16.65 -16.72 -29.72
C GLU A 277 -16.33 -15.66 -28.67
N PHE A 278 -15.11 -15.13 -28.72
CA PHE A 278 -14.74 -14.06 -27.78
C PHE A 278 -15.62 -12.84 -27.95
N LEU A 279 -15.81 -12.42 -29.20
CA LEU A 279 -16.64 -11.23 -29.45
C LEU A 279 -18.07 -11.47 -28.97
N ASN A 280 -18.60 -12.64 -29.28
CA ASN A 280 -19.93 -13.00 -28.76
C ASN A 280 -20.01 -12.94 -27.24
N SER A 281 -18.99 -13.46 -26.56
CA SER A 281 -19.01 -13.54 -25.11
C SER A 281 -19.00 -12.13 -24.51
N VAL A 282 -18.27 -11.21 -25.13
CA VAL A 282 -18.27 -9.83 -24.64
C VAL A 282 -19.62 -9.12 -24.89
N MET A 283 -20.22 -9.33 -26.06
CA MET A 283 -21.55 -8.74 -26.36
C MET A 283 -22.61 -9.28 -25.41
N ILE A 284 -22.53 -10.58 -25.15
CA ILE A 284 -23.43 -11.24 -24.20
C ILE A 284 -23.32 -10.59 -22.81
N LYS A 285 -22.08 -10.31 -22.40
CA LYS A 285 -21.88 -9.72 -21.08
C LYS A 285 -22.33 -8.26 -20.99
N PHE A 286 -22.08 -7.47 -22.03
CA PHE A 286 -22.30 -6.03 -21.91
C PHE A 286 -23.51 -5.50 -22.67
N GLY A 287 -24.05 -6.31 -23.58
CA GLY A 287 -25.23 -5.92 -24.33
C GLY A 287 -24.95 -5.29 -25.68
N ASN A 288 -24.65 -3.99 -25.70
CA ASN A 288 -24.54 -3.30 -26.99
C ASN A 288 -23.23 -2.51 -27.15
N PHE A 289 -22.27 -2.76 -26.27
CA PHE A 289 -20.96 -2.13 -26.37
C PHE A 289 -19.91 -3.13 -25.87
N VAL A 290 -18.64 -2.80 -26.07
CA VAL A 290 -17.55 -3.57 -25.49
C VAL A 290 -16.59 -2.62 -24.78
N PRO A 291 -15.87 -3.12 -23.78
CA PRO A 291 -14.82 -2.32 -23.15
C PRO A 291 -13.50 -2.47 -23.92
N CYS A 292 -12.42 -1.87 -23.43
CA CYS A 292 -11.13 -1.95 -24.13
C CYS A 292 -10.24 -3.11 -23.64
N LEU A 293 -10.70 -3.79 -22.59
CA LEU A 293 -9.97 -4.90 -21.98
C LEU A 293 -11.01 -5.86 -21.43
N TYR A 294 -10.85 -7.15 -21.67
CA TYR A 294 -11.77 -8.10 -21.05
C TYR A 294 -11.29 -9.53 -21.14
N PRO A 295 -11.37 -10.28 -20.01
CA PRO A 295 -11.76 -9.79 -18.69
C PRO A 295 -10.64 -9.02 -18.02
N VAL A 296 -10.96 -8.41 -16.89
CA VAL A 296 -9.96 -7.81 -16.02
C VAL A 296 -10.14 -8.43 -14.63
N ASP A 297 -10.43 -9.73 -14.63
CA ASP A 297 -10.80 -10.43 -13.40
C ASP A 297 -9.72 -10.41 -12.29
N LEU A 298 -8.45 -10.58 -12.66
CA LEU A 298 -7.39 -10.59 -11.65
C LEU A 298 -7.03 -9.20 -11.16
N LEU A 299 -6.81 -8.27 -12.09
CA LEU A 299 -6.44 -6.90 -11.72
C LEU A 299 -7.56 -6.22 -10.91
N GLU A 300 -8.80 -6.43 -11.32
CA GLU A 300 -9.94 -5.80 -10.65
C GLU A 300 -10.09 -6.29 -9.20
N ARG A 301 -10.01 -7.60 -9.00
CA ARG A 301 -10.04 -8.16 -7.64
C ARG A 301 -8.93 -7.59 -6.76
N LEU A 302 -7.72 -7.54 -7.29
CA LEU A 302 -6.59 -6.97 -6.57
C LEU A 302 -6.73 -5.48 -6.28
N LEU A 303 -7.27 -4.73 -7.23
CA LEU A 303 -7.49 -3.29 -7.03
C LEU A 303 -8.56 -3.03 -5.98
N ILE A 304 -9.60 -3.87 -5.98
CA ILE A 304 -10.64 -3.79 -4.95
C ILE A 304 -10.00 -3.95 -3.56
N VAL A 305 -9.25 -5.03 -3.37
CA VAL A 305 -8.60 -5.30 -2.10
C VAL A 305 -7.63 -4.19 -1.72
N ASP A 306 -6.81 -3.75 -2.67
CA ASP A 306 -5.82 -2.71 -2.38
C ASP A 306 -6.50 -1.48 -1.84
N ASN A 307 -7.62 -1.09 -2.46
CA ASN A 307 -8.26 0.15 -2.06
C ASN A 307 -8.98 0.06 -0.73
N ILE A 308 -9.60 -1.08 -0.47
CA ILE A 308 -10.22 -1.35 0.82
C ILE A 308 -9.16 -1.33 1.94
N VAL A 309 -8.02 -1.96 1.69
CA VAL A 309 -6.92 -1.94 2.68
C VAL A 309 -6.37 -0.54 2.89
N ARG A 310 -6.05 0.17 1.81
CA ARG A 310 -5.46 1.49 1.97
C ARG A 310 -6.40 2.51 2.61
N LEU A 311 -7.71 2.35 2.40
CA LEU A 311 -8.70 3.22 3.04
C LEU A 311 -8.86 2.93 4.54
N GLY A 312 -8.27 1.83 5.00
CA GLY A 312 -8.31 1.46 6.41
C GLY A 312 -9.59 0.75 6.80
N ILE A 313 -10.35 0.28 5.83
CA ILE A 313 -11.67 -0.29 6.14
C ILE A 313 -11.71 -1.81 6.00
N TYR A 314 -10.54 -2.42 5.84
CA TYR A 314 -10.42 -3.86 5.55
C TYR A 314 -11.05 -4.77 6.63
N ARG A 315 -11.12 -4.34 7.88
CA ARG A 315 -11.58 -5.27 8.93
C ARG A 315 -13.07 -5.60 8.80
N HIS A 316 -13.80 -4.80 8.04
CA HIS A 316 -15.22 -5.06 7.80
C HIS A 316 -15.46 -6.09 6.69
N PHE A 317 -14.41 -6.42 5.95
CA PHE A 317 -14.55 -7.21 4.72
C PHE A 317 -13.58 -8.40 4.68
N GLU A 318 -13.34 -9.02 5.83
CA GLU A 318 -12.47 -10.19 5.87
C GLU A 318 -12.91 -11.29 4.91
N LYS A 319 -14.22 -11.57 4.89
CA LYS A 319 -14.73 -12.64 4.04
C LYS A 319 -14.51 -12.34 2.57
N GLU A 320 -14.80 -11.10 2.17
CA GLU A 320 -14.71 -10.70 0.78
C GLU A 320 -13.25 -10.64 0.31
N ILE A 321 -12.37 -10.15 1.18
CA ILE A 321 -10.96 -10.10 0.82
C ILE A 321 -10.38 -11.51 0.63
N LYS A 322 -10.73 -12.42 1.53
CA LYS A 322 -10.29 -13.81 1.40
C LYS A 322 -10.80 -14.42 0.11
N GLU A 323 -12.08 -14.22 -0.19
CA GLU A 323 -12.64 -14.77 -1.41
C GLU A 323 -11.96 -14.20 -2.67
N ALA A 324 -11.66 -12.90 -2.66
CA ALA A 324 -10.97 -12.27 -3.78
C ALA A 324 -9.55 -12.81 -3.96
N LEU A 325 -8.79 -12.82 -2.86
CA LEU A 325 -7.40 -13.25 -2.91
C LEU A 325 -7.29 -14.76 -3.15
N ASP A 326 -8.27 -15.53 -2.67
CA ASP A 326 -8.30 -16.98 -2.95
C ASP A 326 -8.38 -17.25 -4.46
N TYR A 327 -9.19 -16.45 -5.16
CA TYR A 327 -9.37 -16.59 -6.60
C TYR A 327 -8.07 -16.20 -7.29
N VAL A 328 -7.47 -15.11 -6.85
CA VAL A 328 -6.19 -14.70 -7.44
C VAL A 328 -5.14 -15.78 -7.22
N TYR A 329 -5.10 -16.33 -6.00
CA TYR A 329 -4.09 -17.33 -5.67
C TYR A 329 -4.27 -18.59 -6.50
N ARG A 330 -5.52 -18.94 -6.83
CA ARG A 330 -5.76 -20.11 -7.66
C ARG A 330 -5.07 -19.94 -9.02
N HIS A 331 -5.03 -18.71 -9.51
CA HIS A 331 -4.47 -18.44 -10.83
C HIS A 331 -3.00 -18.03 -10.78
N TRP A 332 -2.50 -17.85 -9.57
CA TRP A 332 -1.10 -17.50 -9.36
C TRP A 332 -0.20 -18.63 -9.81
N ASN A 333 0.79 -18.32 -10.63
CA ASN A 333 1.71 -19.35 -11.12
C ASN A 333 3.11 -18.79 -11.32
N GLU A 334 4.06 -19.68 -11.59
CA GLU A 334 5.48 -19.31 -11.67
C GLU A 334 5.74 -18.33 -12.80
N ARG A 335 4.80 -18.21 -13.73
CA ARG A 335 5.00 -17.34 -14.89
C ARG A 335 4.39 -15.96 -14.73
N GLY A 336 3.83 -15.69 -13.55
CA GLY A 336 3.20 -14.41 -13.30
C GLY A 336 1.75 -14.40 -13.75
N ILE A 337 1.10 -13.26 -13.56
CA ILE A 337 -0.30 -13.11 -13.94
C ILE A 337 -0.54 -11.87 -14.79
N GLY A 338 -1.52 -11.95 -15.69
CA GLY A 338 -1.98 -10.79 -16.43
C GLY A 338 -3.18 -10.16 -15.73
N TRP A 339 -3.69 -9.07 -16.30
CA TRP A 339 -4.84 -8.39 -15.69
C TRP A 339 -6.07 -9.28 -15.78
N GLY A 340 -6.09 -10.11 -16.81
CA GLY A 340 -7.11 -11.15 -17.01
C GLY A 340 -6.47 -12.52 -16.96
N ARG A 341 -7.17 -13.49 -16.40
CA ARG A 341 -6.61 -14.81 -16.14
C ARG A 341 -6.23 -15.58 -17.41
N LEU A 342 -6.77 -15.17 -18.56
CA LEU A 342 -6.42 -15.86 -19.81
C LEU A 342 -5.25 -15.24 -20.60
N ASN A 343 -4.67 -14.15 -20.11
CA ASN A 343 -3.60 -13.48 -20.85
C ASN A 343 -2.42 -14.45 -21.02
N PRO A 344 -1.85 -14.50 -22.22
CA PRO A 344 -0.74 -15.43 -22.46
C PRO A 344 0.62 -14.83 -22.08
N ILE A 345 0.62 -13.64 -21.49
CA ILE A 345 1.85 -13.04 -20.99
C ILE A 345 1.52 -12.33 -19.68
N ALA A 346 2.43 -12.39 -18.72
CA ALA A 346 2.19 -11.75 -17.43
C ALA A 346 2.28 -10.23 -17.58
N ASP A 347 1.70 -9.55 -16.61
CA ASP A 347 1.68 -8.10 -16.56
C ASP A 347 2.38 -7.69 -15.27
N LEU A 348 3.42 -6.86 -15.35
CA LEU A 348 4.12 -6.44 -14.12
C LEU A 348 3.18 -5.73 -13.14
N GLU A 349 2.33 -4.82 -13.63
CA GLU A 349 1.41 -4.12 -12.74
C GLU A 349 0.60 -5.11 -11.90
N THR A 350 -0.09 -6.05 -12.56
CA THR A 350 -0.93 -6.99 -11.85
C THR A 350 -0.13 -7.98 -11.00
N THR A 351 1.00 -8.46 -11.54
CA THR A 351 1.84 -9.42 -10.82
C THR A 351 2.46 -8.81 -9.55
N ALA A 352 2.97 -7.58 -9.64
CA ALA A 352 3.60 -6.93 -8.47
C ALA A 352 2.54 -6.63 -7.42
N LEU A 353 1.38 -6.16 -7.86
CA LEU A 353 0.28 -5.91 -6.94
C LEU A 353 -0.17 -7.20 -6.26
N GLY A 354 -0.31 -8.27 -7.06
CA GLY A 354 -0.68 -9.57 -6.53
C GLY A 354 0.33 -10.13 -5.54
N PHE A 355 1.61 -10.07 -5.88
CA PHE A 355 2.67 -10.49 -4.94
C PHE A 355 2.51 -9.80 -3.58
N ARG A 356 2.39 -8.48 -3.61
CA ARG A 356 2.30 -7.72 -2.37
C ARG A 356 1.05 -8.08 -1.53
N LEU A 357 -0.13 -8.07 -2.14
CA LEU A 357 -1.36 -8.34 -1.40
C LEU A 357 -1.44 -9.78 -0.90
N LEU A 358 -0.98 -10.72 -1.72
CA LEU A 358 -0.95 -12.12 -1.33
C LEU A 358 -0.04 -12.33 -0.12
N ARG A 359 1.18 -11.81 -0.20
CA ARG A 359 2.11 -11.98 0.90
C ARG A 359 1.60 -11.31 2.17
N LEU A 360 1.06 -10.10 2.00
CA LEU A 360 0.50 -9.32 3.11
C LEU A 360 -0.64 -10.07 3.81
N HIS A 361 -1.36 -10.89 3.05
CA HIS A 361 -2.48 -11.66 3.62
C HIS A 361 -2.09 -13.10 3.90
N ARG A 362 -0.78 -13.33 4.01
CA ARG A 362 -0.20 -14.59 4.49
C ARG A 362 -0.29 -15.77 3.52
N TYR A 363 -0.49 -15.47 2.24
CA TYR A 363 -0.36 -16.49 1.21
C TYR A 363 1.13 -16.68 0.94
N ASN A 364 1.50 -17.89 0.54
CA ASN A 364 2.89 -18.18 0.25
C ASN A 364 3.24 -17.87 -1.21
N VAL A 365 3.97 -16.78 -1.42
CA VAL A 365 4.41 -16.41 -2.76
C VAL A 365 5.92 -16.22 -2.77
N SER A 366 6.54 -16.43 -3.92
CA SER A 366 7.99 -16.28 -4.05
C SER A 366 8.34 -15.10 -4.95
N PRO A 367 9.33 -14.30 -4.56
CA PRO A 367 9.72 -13.17 -5.39
C PRO A 367 10.41 -13.61 -6.68
N ALA A 368 10.68 -14.91 -6.79
CA ALA A 368 11.17 -15.46 -8.05
C ALA A 368 10.22 -15.19 -9.23
N ILE A 369 8.95 -14.89 -8.98
CA ILE A 369 8.04 -14.58 -10.10
C ILE A 369 8.47 -13.33 -10.87
N PHE A 370 9.28 -12.48 -10.24
CA PHE A 370 9.74 -11.28 -10.92
C PHE A 370 10.80 -11.55 -11.97
N ASP A 371 11.32 -12.78 -11.98
CA ASP A 371 12.24 -13.20 -13.04
C ASP A 371 11.53 -13.14 -14.40
N ASN A 372 10.22 -13.25 -14.40
CA ASN A 372 9.45 -13.17 -15.64
C ASN A 372 9.55 -11.81 -16.31
N PHE A 373 10.14 -10.84 -15.61
CA PHE A 373 10.19 -9.48 -16.13
C PHE A 373 11.64 -9.03 -16.25
N LYS A 374 12.54 -9.99 -16.45
CA LYS A 374 13.98 -9.74 -16.48
C LYS A 374 14.60 -10.14 -17.81
N ASP A 375 15.87 -9.80 -18.00
CA ASP A 375 16.63 -10.22 -19.19
C ASP A 375 18.09 -10.52 -18.86
N ALA A 376 18.87 -10.85 -19.89
CA ALA A 376 20.30 -11.11 -19.75
C ALA A 376 20.60 -12.09 -18.62
N PHE A 380 16.27 -6.47 -15.28
CA PHE A 380 14.91 -5.93 -15.36
C PHE A 380 14.73 -5.12 -16.62
N ILE A 381 13.48 -4.92 -17.02
CA ILE A 381 13.14 -4.08 -18.17
C ILE A 381 11.82 -3.33 -18.00
N CYS A 382 10.73 -3.92 -18.49
CA CYS A 382 9.40 -3.30 -18.45
C CYS A 382 9.40 -1.78 -18.52
N SER A 383 10.08 -1.25 -19.54
CA SER A 383 10.10 0.17 -19.80
C SER A 383 9.41 0.48 -21.14
N THR A 384 8.71 -0.53 -21.66
CA THR A 384 7.91 -0.35 -22.86
C THR A 384 6.43 -0.33 -22.47
N GLY A 385 5.62 0.38 -23.25
CA GLY A 385 4.19 0.42 -23.01
C GLY A 385 3.71 1.84 -22.82
N GLN A 386 2.43 2.03 -22.50
CA GLN A 386 1.98 3.39 -22.27
C GLN A 386 2.33 3.84 -20.87
N PHE A 387 2.51 5.14 -20.74
CA PHE A 387 3.27 5.71 -19.62
C PHE A 387 2.66 5.42 -18.26
N ASN A 388 1.35 5.60 -18.14
CA ASN A 388 0.67 5.40 -16.86
C ASN A 388 0.77 3.94 -16.40
N LYS A 389 0.65 3.03 -17.35
CA LYS A 389 0.79 1.62 -17.02
C LYS A 389 2.22 1.33 -16.54
N ASP A 390 3.22 1.86 -17.24
CA ASP A 390 4.61 1.63 -16.85
C ASP A 390 4.87 2.20 -15.47
N VAL A 391 4.42 3.42 -15.22
CA VAL A 391 4.56 4.04 -13.90
C VAL A 391 3.84 3.21 -12.83
N ALA A 392 2.62 2.77 -13.13
CA ALA A 392 1.85 1.95 -12.18
C ALA A 392 2.61 0.68 -11.83
N SER A 393 3.20 0.03 -12.84
CA SER A 393 3.93 -1.23 -12.64
C SER A 393 5.12 -1.04 -11.71
N MET A 394 5.82 0.08 -11.88
CA MET A 394 7.00 0.38 -11.07
C MET A 394 6.65 0.84 -9.66
N LEU A 395 5.55 1.59 -9.52
CA LEU A 395 5.06 1.89 -8.17
C LEU A 395 4.70 0.59 -7.45
N ASN A 396 4.05 -0.33 -8.14
CA ASN A 396 3.68 -1.61 -7.52
C ASN A 396 4.89 -2.47 -7.21
N LEU A 397 5.89 -2.42 -8.08
CA LEU A 397 7.11 -3.19 -7.82
C LEU A 397 7.85 -2.59 -6.63
N TYR A 398 7.96 -1.27 -6.60
CA TYR A 398 8.57 -0.57 -5.47
C TYR A 398 7.89 -0.98 -4.15
N ARG A 399 6.57 -0.91 -4.08
CA ARG A 399 5.87 -1.28 -2.85
C ARG A 399 6.05 -2.77 -2.52
N ALA A 400 5.95 -3.62 -3.54
CA ALA A 400 6.14 -5.05 -3.32
C ALA A 400 7.54 -5.36 -2.74
N SER A 401 8.55 -4.65 -3.20
CA SER A 401 9.94 -4.95 -2.79
C SER A 401 10.16 -4.75 -1.30
N GLN A 402 9.32 -3.92 -0.69
CA GLN A 402 9.49 -3.60 0.74
C GLN A 402 9.07 -4.75 1.65
N LEU A 403 8.35 -5.73 1.11
CA LEU A 403 7.90 -6.87 1.89
C LEU A 403 8.90 -8.02 1.87
N ALA A 404 10.17 -7.71 1.66
CA ALA A 404 11.23 -8.72 1.58
C ALA A 404 11.45 -9.53 2.87
N PHE A 405 11.61 -10.84 2.70
CA PHE A 405 12.05 -11.73 3.77
C PHE A 405 13.57 -11.91 3.66
N PRO A 406 14.22 -12.44 4.72
CA PRO A 406 15.67 -12.65 4.70
C PRO A 406 16.13 -13.47 3.48
N GLY A 407 17.27 -13.07 2.91
CA GLY A 407 17.83 -13.78 1.76
C GLY A 407 17.19 -13.49 0.41
N GLU A 408 16.13 -12.69 0.39
CA GLU A 408 15.43 -12.41 -0.88
C GLU A 408 16.10 -11.27 -1.66
N ASN A 409 17.28 -11.56 -2.19
CA ASN A 409 18.07 -10.58 -2.92
C ASN A 409 17.37 -9.93 -4.10
N ILE A 410 16.59 -10.70 -4.84
CA ILE A 410 15.86 -10.16 -5.99
C ILE A 410 15.00 -8.96 -5.61
N LEU A 411 14.47 -8.94 -4.39
CA LEU A 411 13.62 -7.82 -3.98
C LEU A 411 14.44 -6.56 -3.67
N ASP A 412 15.63 -6.75 -3.14
CA ASP A 412 16.55 -5.64 -2.95
C ASP A 412 16.92 -5.03 -4.31
N GLU A 413 17.17 -5.89 -5.29
CA GLU A 413 17.45 -5.43 -6.65
C GLU A 413 16.23 -4.71 -7.24
N ALA A 414 15.05 -5.26 -7.01
CA ALA A 414 13.82 -4.68 -7.53
C ALA A 414 13.59 -3.30 -6.92
N LYS A 415 13.84 -3.18 -5.62
CA LYS A 415 13.67 -1.90 -4.94
C LYS A 415 14.57 -0.85 -5.59
N SER A 416 15.84 -1.20 -5.78
CA SER A 416 16.81 -0.29 -6.40
CA SER A 416 16.81 -0.29 -6.40
C SER A 416 16.36 0.12 -7.80
N PHE A 417 16.00 -0.86 -8.62
CA PHE A 417 15.57 -0.60 -9.98
C PHE A 417 14.35 0.32 -10.03
N ALA A 418 13.34 0.01 -9.22
CA ALA A 418 12.09 0.76 -9.24
C ALA A 418 12.30 2.19 -8.76
N THR A 419 13.11 2.35 -7.73
CA THR A 419 13.46 3.68 -7.22
C THR A 419 14.11 4.54 -8.31
N LYS A 420 15.13 4.01 -8.97
CA LYS A 420 15.76 4.71 -10.09
C LYS A 420 14.72 5.06 -11.17
N TYR A 421 13.90 4.09 -11.54
CA TYR A 421 12.87 4.33 -12.55
C TYR A 421 11.94 5.47 -12.17
N LEU A 422 11.47 5.46 -10.92
CA LEU A 422 10.50 6.45 -10.44
C LEU A 422 11.10 7.85 -10.34
N ARG A 423 12.35 7.94 -9.89
CA ARG A 423 13.02 9.24 -9.87
C ARG A 423 13.21 9.78 -11.28
N GLU A 424 13.50 8.90 -12.22
CA GLU A 424 13.58 9.32 -13.61
C GLU A 424 12.22 9.77 -14.15
N ALA A 425 11.16 9.05 -13.78
CA ALA A 425 9.84 9.41 -14.28
C ALA A 425 9.42 10.81 -13.84
N LEU A 426 9.81 11.20 -12.62
CA LEU A 426 9.54 12.55 -12.12
C LEU A 426 10.10 13.63 -13.03
N GLU A 427 11.21 13.34 -13.71
CA GLU A 427 11.87 14.32 -14.56
C GLU A 427 11.35 14.30 -15.99
N LYS A 428 10.46 13.36 -16.32
CA LYS A 428 9.96 13.25 -17.69
C LYS A 428 8.79 14.19 -17.96
N SER A 429 8.75 14.77 -19.15
CA SER A 429 7.66 15.70 -19.49
C SER A 429 6.27 15.05 -19.37
N GLU A 430 6.15 13.77 -19.73
CA GLU A 430 4.87 13.08 -19.67
C GLU A 430 4.23 13.17 -18.28
N THR A 431 5.07 13.16 -17.24
CA THR A 431 4.59 13.22 -15.88
C THR A 431 3.81 14.51 -15.59
N SER A 432 4.15 15.57 -16.31
CA SER A 432 3.52 16.86 -16.15
C SER A 432 2.47 17.16 -17.22
N SER A 433 1.93 16.11 -17.86
CA SER A 433 0.87 16.34 -18.84
C SER A 433 -0.36 16.90 -18.12
N ALA A 434 -1.27 17.50 -18.88
CA ALA A 434 -2.51 18.00 -18.26
C ALA A 434 -3.26 16.86 -17.54
N TRP A 435 -3.31 15.69 -18.15
CA TRP A 435 -4.01 14.55 -17.56
C TRP A 435 -3.36 14.11 -16.24
N ASN A 436 -2.04 14.01 -16.25
CA ASN A 436 -1.33 13.53 -15.07
C ASN A 436 -1.36 14.54 -13.93
N ASN A 437 -1.27 15.83 -14.28
CA ASN A 437 -1.37 16.90 -13.31
C ASN A 437 -2.73 16.93 -12.63
N LYS A 438 -3.78 16.67 -13.40
CA LYS A 438 -5.12 16.62 -12.84
C LYS A 438 -5.29 15.48 -11.85
N GLN A 439 -4.46 14.44 -11.97
CA GLN A 439 -4.50 13.31 -11.04
C GLN A 439 -3.36 13.36 -10.00
N ASN A 440 -2.59 14.44 -9.99
CA ASN A 440 -1.49 14.61 -9.03
C ASN A 440 -0.50 13.45 -9.08
N LEU A 441 -0.16 13.00 -10.29
CA LEU A 441 0.73 11.85 -10.44
C LEU A 441 2.11 12.13 -9.83
N SER A 442 2.65 13.31 -10.08
CA SER A 442 3.98 13.62 -9.57
C SER A 442 3.98 13.58 -8.04
N GLN A 443 2.93 14.13 -7.43
CA GLN A 443 2.77 14.07 -5.98
C GLN A 443 2.70 12.64 -5.47
N GLU A 444 1.95 11.80 -6.17
CA GLU A 444 1.82 10.39 -5.79
C GLU A 444 3.16 9.65 -5.89
N ILE A 445 3.92 9.89 -6.95
CA ILE A 445 5.25 9.28 -7.05
C ILE A 445 6.18 9.76 -5.94
N LYS A 446 6.21 11.07 -5.71
CA LYS A 446 7.02 11.62 -4.63
C LYS A 446 6.65 11.04 -3.27
N TYR A 447 5.35 10.89 -3.02
CA TYR A 447 4.90 10.37 -1.73
C TYR A 447 5.32 8.92 -1.56
N ALA A 448 5.20 8.15 -2.64
CA ALA A 448 5.58 6.74 -2.60
C ALA A 448 7.06 6.62 -2.24
N LEU A 449 7.89 7.46 -2.85
CA LEU A 449 9.34 7.39 -2.67
C LEU A 449 9.80 7.84 -1.28
N LYS A 450 9.06 8.73 -0.65
CA LYS A 450 9.48 9.19 0.67
C LYS A 450 8.87 8.32 1.76
N THR A 451 8.02 7.40 1.35
CA THR A 451 7.27 6.58 2.30
C THR A 451 7.84 5.16 2.43
N SER A 452 8.30 4.81 3.64
CA SER A 452 8.72 3.45 3.91
C SER A 452 7.57 2.68 4.57
N TRP A 453 7.21 1.53 4.00
CA TRP A 453 6.14 0.72 4.55
C TRP A 453 6.40 0.38 6.03
N HIS A 454 7.64 0.03 6.36
CA HIS A 454 7.96 -0.29 7.74
C HIS A 454 7.85 0.93 8.65
N ALA A 455 8.34 2.08 8.18
CA ALA A 455 8.29 3.30 8.98
C ALA A 455 7.04 4.12 8.65
N SER A 456 5.88 3.50 8.87
CA SER A 456 4.59 4.14 8.59
C SER A 456 3.69 4.08 9.82
N VAL A 457 2.89 5.13 10.03
CA VAL A 457 1.84 5.15 11.04
C VAL A 457 0.53 4.70 10.39
N PRO A 458 0.06 3.49 10.72
CA PRO A 458 -1.07 2.88 10.01
C PRO A 458 -2.33 3.74 9.95
N ARG A 459 -2.83 4.21 11.10
CA ARG A 459 -4.02 5.06 11.10
C ARG A 459 -3.83 6.34 10.28
N VAL A 460 -2.62 6.90 10.31
CA VAL A 460 -2.33 8.11 9.54
C VAL A 460 -2.30 7.85 8.01
N GLU A 461 -1.73 6.73 7.60
CA GLU A 461 -1.77 6.38 6.17
C GLU A 461 -3.21 6.19 5.67
N ALA A 462 -4.06 5.57 6.48
CA ALA A 462 -5.45 5.41 6.10
C ALA A 462 -6.13 6.78 6.01
N LYS A 463 -5.91 7.63 7.01
CA LYS A 463 -6.45 8.99 6.97
C LYS A 463 -6.00 9.74 5.72
N ARG A 464 -4.72 9.65 5.39
CA ARG A 464 -4.19 10.36 4.23
C ARG A 464 -4.79 9.83 2.94
N TYR A 465 -5.01 8.51 2.88
CA TYR A 465 -5.52 7.92 1.66
C TYR A 465 -6.99 8.30 1.44
N CYS A 466 -7.73 8.45 2.53
CA CYS A 466 -9.11 8.94 2.44
C CYS A 466 -9.16 10.32 1.79
N GLN A 467 -8.04 11.04 1.82
CA GLN A 467 -7.98 12.38 1.27
C GLN A 467 -7.46 12.41 -0.16
N VAL A 468 -7.01 11.25 -0.65
CA VAL A 468 -6.49 11.15 -2.02
C VAL A 468 -7.36 10.26 -2.92
N TYR A 469 -8.00 9.26 -2.32
CA TYR A 469 -8.84 8.33 -3.08
C TYR A 469 -9.92 9.06 -3.88
N ARG A 470 -10.05 8.69 -5.15
CA ARG A 470 -11.04 9.32 -6.02
C ARG A 470 -12.15 8.36 -6.46
N PRO A 471 -13.39 8.65 -6.05
CA PRO A 471 -14.52 7.81 -6.47
C PRO A 471 -14.70 7.78 -7.99
N ASP A 472 -14.31 8.85 -8.69
CA ASP A 472 -14.50 8.91 -10.14
C ASP A 472 -13.17 8.78 -10.90
N TYR A 473 -12.19 8.12 -10.29
CA TYR A 473 -10.87 7.97 -10.90
C TYR A 473 -10.95 7.32 -12.29
N ALA A 474 -10.25 7.91 -13.26
CA ALA A 474 -10.23 7.37 -14.62
C ALA A 474 -8.85 6.79 -14.98
N ARG A 475 -8.88 5.61 -15.56
CA ARG A 475 -7.68 4.88 -15.98
C ARG A 475 -7.50 4.95 -17.49
N ILE A 476 -6.29 4.66 -17.94
CA ILE A 476 -5.96 4.67 -19.37
C ILE A 476 -5.48 3.30 -19.86
N ALA A 477 -6.10 2.82 -20.93
CA ALA A 477 -5.51 1.76 -21.75
C ALA A 477 -5.75 2.17 -23.20
N LYS A 478 -6.33 1.28 -24.01
CA LYS A 478 -6.69 1.67 -25.39
C LYS A 478 -7.64 2.87 -25.38
N CYS A 479 -8.47 2.97 -24.34
CA CYS A 479 -9.28 4.17 -24.15
C CYS A 479 -9.28 4.53 -22.68
N VAL A 480 -9.83 5.69 -22.36
CA VAL A 480 -10.02 6.03 -20.96
C VAL A 480 -11.16 5.18 -20.42
N TYR A 481 -10.98 4.58 -19.24
CA TYR A 481 -12.04 3.75 -18.65
C TYR A 481 -12.10 3.89 -17.14
N LYS A 482 -13.18 3.38 -16.55
CA LYS A 482 -13.33 3.35 -15.10
C LYS A 482 -13.70 1.94 -14.65
N LEU A 483 -13.34 1.63 -13.42
CA LEU A 483 -13.71 0.40 -12.73
C LEU A 483 -14.54 0.75 -11.48
N PRO A 484 -15.88 0.77 -11.61
CA PRO A 484 -16.73 1.23 -10.51
C PRO A 484 -16.69 0.38 -9.24
N TYR A 485 -16.32 -0.90 -9.32
CA TYR A 485 -16.12 -1.68 -8.10
C TYR A 485 -14.91 -1.22 -7.31
N VAL A 486 -13.94 -0.60 -7.98
CA VAL A 486 -12.71 -0.15 -7.35
C VAL A 486 -12.86 1.30 -6.89
N ASN A 487 -13.41 2.13 -7.77
CA ASN A 487 -13.54 3.56 -7.52
C ASN A 487 -15.01 3.95 -7.48
N ASN A 488 -15.46 4.31 -6.29
CA ASN A 488 -16.87 4.61 -6.08
C ASN A 488 -17.08 5.45 -4.83
N GLU A 489 -18.26 6.05 -4.69
CA GLU A 489 -18.52 6.94 -3.57
C GLU A 489 -18.66 6.20 -2.23
N LYS A 490 -19.21 4.99 -2.23
CA LYS A 490 -19.43 4.25 -0.99
C LYS A 490 -18.14 3.91 -0.23
N PHE A 491 -17.12 3.47 -0.94
CA PHE A 491 -15.81 3.17 -0.33
C PHE A 491 -15.35 4.38 0.47
N LEU A 492 -15.42 5.56 -0.14
CA LEU A 492 -14.89 6.77 0.50
C LEU A 492 -15.78 7.21 1.67
N GLU A 493 -17.09 7.15 1.47
CA GLU A 493 -18.01 7.49 2.54
C GLU A 493 -17.72 6.67 3.78
N LEU A 494 -17.56 5.35 3.60
CA LEU A 494 -17.24 4.49 4.73
C LEU A 494 -15.86 4.79 5.28
N GLY A 495 -14.89 5.01 4.39
CA GLY A 495 -13.53 5.29 4.84
C GLY A 495 -13.47 6.48 5.80
N LYS A 496 -14.10 7.58 5.42
CA LYS A 496 -14.06 8.80 6.22
C LYS A 496 -14.84 8.64 7.53
N LEU A 497 -16.01 8.04 7.44
CA LEU A 497 -16.84 7.84 8.62
C LEU A 497 -16.21 6.88 9.63
N ASP A 498 -15.78 5.72 9.13
CA ASP A 498 -15.11 4.73 9.97
C ASP A 498 -13.89 5.34 10.66
N PHE A 499 -13.08 6.11 9.93
CA PHE A 499 -11.92 6.76 10.54
C PHE A 499 -12.33 7.67 11.70
N ASN A 500 -13.34 8.50 11.47
CA ASN A 500 -13.82 9.43 12.48
C ASN A 500 -14.40 8.77 13.72
N ILE A 501 -15.10 7.66 13.51
CA ILE A 501 -15.68 6.91 14.62
C ILE A 501 -14.58 6.30 15.49
N ILE A 502 -13.61 5.66 14.86
CA ILE A 502 -12.48 5.10 15.60
C ILE A 502 -11.76 6.19 16.38
N GLN A 503 -11.51 7.32 15.73
CA GLN A 503 -10.82 8.42 16.37
C GLN A 503 -11.60 8.94 17.58
N SER A 504 -12.92 9.02 17.46
CA SER A 504 -13.74 9.54 18.55
C SER A 504 -13.70 8.59 19.74
N ILE A 505 -13.67 7.29 19.45
CA ILE A 505 -13.50 6.29 20.49
C ILE A 505 -12.16 6.47 21.20
N HIS A 506 -11.10 6.64 20.42
CA HIS A 506 -9.77 6.88 21.01
C HIS A 506 -9.74 8.17 21.85
N GLN A 507 -10.45 9.20 21.41
CA GLN A 507 -10.49 10.44 22.19
C GLN A 507 -11.10 10.24 23.57
N GLU A 508 -12.16 9.42 23.66
CA GLU A 508 -12.72 9.10 24.96
C GLU A 508 -11.72 8.29 25.81
N GLU A 509 -10.99 7.39 25.18
CA GLU A 509 -9.94 6.64 25.87
C GLU A 509 -8.83 7.54 26.40
N MET A 510 -8.49 8.57 25.64
CA MET A 510 -7.42 9.51 26.05
C MET A 510 -7.83 10.36 27.25
N LYS A 511 -9.12 10.64 27.36
CA LYS A 511 -9.63 11.24 28.57
C LYS A 511 -9.39 10.32 29.77
N ASN A 512 -9.70 9.04 29.61
CA ASN A 512 -9.46 8.07 30.67
C ASN A 512 -7.97 7.97 31.02
N VAL A 513 -7.12 7.95 30.00
CA VAL A 513 -5.68 7.86 30.18
C VAL A 513 -5.15 9.04 30.97
N THR A 514 -5.51 10.25 30.55
CA THR A 514 -4.98 11.45 31.19
C THR A 514 -5.56 11.61 32.60
N SER A 515 -6.80 11.15 32.79
CA SER A 515 -7.44 11.15 34.10
CA SER A 515 -7.42 11.17 34.10
C SER A 515 -6.70 10.21 35.05
N TRP A 516 -6.44 8.98 34.59
CA TRP A 516 -5.65 8.04 35.37
C TRP A 516 -4.27 8.62 35.68
N PHE A 517 -3.62 9.17 34.67
CA PHE A 517 -2.25 9.66 34.83
C PHE A 517 -2.13 10.72 35.93
N ARG A 518 -3.07 11.66 35.93
CA ARG A 518 -3.11 12.74 36.89
C ARG A 518 -3.18 12.25 38.34
N ASP A 519 -3.93 11.17 38.57
CA ASP A 519 -4.16 10.64 39.92
C ASP A 519 -3.19 9.51 40.27
N SER A 520 -2.29 9.16 39.34
CA SER A 520 -1.48 7.95 39.45
C SER A 520 -0.25 8.12 40.37
N GLY A 521 0.14 9.37 40.61
CA GLY A 521 1.37 9.64 41.34
C GLY A 521 2.57 9.89 40.43
N LEU A 522 2.47 9.50 39.16
CA LEU A 522 3.60 9.62 38.24
C LEU A 522 4.05 11.06 37.96
N PRO A 523 3.12 12.02 37.94
CA PRO A 523 3.50 13.43 37.80
C PRO A 523 4.45 13.93 38.90
N LEU A 524 4.53 13.21 40.02
CA LEU A 524 5.40 13.64 41.12
C LEU A 524 6.87 13.50 40.77
N PHE A 525 7.19 12.70 39.76
CA PHE A 525 8.58 12.53 39.35
C PHE A 525 8.99 13.59 38.33
N THR A 526 9.32 14.78 38.85
CA THR A 526 9.57 15.95 38.02
C THR A 526 10.88 15.84 37.25
N PHE A 527 11.70 14.85 37.57
CA PHE A 527 12.89 14.56 36.77
C PHE A 527 12.55 13.87 35.45
N ALA A 528 11.29 13.42 35.31
CA ALA A 528 10.86 12.78 34.07
C ALA A 528 9.81 13.61 33.34
N ARG A 529 9.79 13.54 32.02
CA ARG A 529 8.77 14.27 31.26
C ARG A 529 7.46 13.49 31.19
N GLU A 530 6.33 14.20 31.35
CA GLU A 530 5.01 13.59 31.19
C GLU A 530 4.68 13.40 29.71
N ARG A 531 4.47 12.17 29.29
CA ARG A 531 4.14 11.90 27.89
C ARG A 531 3.03 10.85 27.70
N PRO A 532 1.94 10.95 28.49
CA PRO A 532 0.92 9.91 28.35
C PRO A 532 0.32 9.79 26.94
N LEU A 533 0.05 10.92 26.28
CA LEU A 533 -0.56 10.86 24.95
C LEU A 533 0.39 10.28 23.93
N GLU A 534 1.68 10.57 24.10
CA GLU A 534 2.69 10.02 23.19
C GLU A 534 2.73 8.50 23.25
N PHE A 535 2.65 7.95 24.46
CA PHE A 535 2.69 6.50 24.64
C PHE A 535 1.36 5.87 24.21
N TYR A 536 0.26 6.57 24.46
CA TYR A 536 -1.01 6.08 23.97
C TYR A 536 -1.01 6.00 22.44
N PHE A 537 -0.49 7.04 21.80
CA PHE A 537 -0.33 7.05 20.35
C PHE A 537 0.49 5.87 19.84
N LEU A 538 1.57 5.55 20.55
CA LEU A 538 2.48 4.47 20.11
C LEU A 538 1.70 3.19 19.85
N VAL A 539 0.75 2.87 20.73
CA VAL A 539 -0.04 1.67 20.52
C VAL A 539 -1.29 1.93 19.67
N ALA A 540 -1.98 3.04 19.93
CA ALA A 540 -3.30 3.28 19.31
C ALA A 540 -3.26 3.55 17.80
N ALA A 541 -2.14 4.08 17.31
CA ALA A 541 -1.99 4.40 15.89
C ALA A 541 -1.89 3.11 15.04
N GLY A 542 -1.60 1.99 15.68
CA GLY A 542 -1.49 0.72 14.98
C GLY A 542 -2.55 -0.29 15.40
N THR A 543 -2.76 -0.41 16.71
CA THR A 543 -3.78 -1.31 17.24
C THR A 543 -4.98 -0.47 17.66
N TYR A 544 -5.89 -0.25 16.72
CA TYR A 544 -6.92 0.79 16.84
C TYR A 544 -8.32 0.25 17.09
N GLU A 545 -8.52 -1.05 16.86
CA GLU A 545 -9.86 -1.63 16.92
C GLU A 545 -10.56 -1.43 18.27
N PRO A 546 -11.87 -1.13 18.24
CA PRO A 546 -12.61 -0.77 19.45
C PRO A 546 -12.50 -1.79 20.57
N GLN A 547 -12.43 -3.07 20.24
CA GLN A 547 -12.41 -4.12 21.25
C GLN A 547 -11.10 -4.20 22.05
N TYR A 548 -10.06 -3.49 21.61
CA TYR A 548 -8.74 -3.58 22.25
C TYR A 548 -8.43 -2.40 23.17
N ALA A 549 -9.46 -1.77 23.70
CA ALA A 549 -9.31 -0.66 24.65
C ALA A 549 -8.43 -1.01 25.85
N LYS A 550 -8.65 -2.19 26.44
CA LYS A 550 -7.87 -2.59 27.62
C LYS A 550 -6.38 -2.71 27.29
N CYS A 551 -6.07 -3.39 26.19
CA CYS A 551 -4.71 -3.48 25.66
C CYS A 551 -4.03 -2.11 25.58
N ARG A 552 -4.70 -1.15 24.93
CA ARG A 552 -4.15 0.20 24.78
C ARG A 552 -3.93 0.87 26.12
N PHE A 553 -4.88 0.70 27.04
CA PHE A 553 -4.85 1.35 28.35
C PHE A 553 -3.66 0.85 29.19
N LEU A 554 -3.54 -0.47 29.30
CA LEU A 554 -2.48 -1.07 30.10
C LEU A 554 -1.10 -0.84 29.48
N PHE A 555 -1.02 -0.92 28.16
CA PHE A 555 0.21 -0.61 27.43
C PHE A 555 0.67 0.81 27.81
N THR A 556 -0.26 1.76 27.78
CA THR A 556 0.03 3.15 28.11
C THR A 556 0.49 3.31 29.56
N LYS A 557 -0.17 2.66 30.50
CA LYS A 557 0.26 2.74 31.89
C LYS A 557 1.72 2.28 32.04
N VAL A 558 2.02 1.13 31.47
CA VAL A 558 3.37 0.56 31.59
C VAL A 558 4.41 1.48 30.95
N ALA A 559 4.09 2.02 29.77
CA ALA A 559 5.00 2.94 29.10
C ALA A 559 5.27 4.22 29.92
N CYS A 560 4.24 4.74 30.58
CA CYS A 560 4.40 5.91 31.48
C CYS A 560 5.31 5.59 32.67
N LEU A 561 5.10 4.42 33.25
CA LEU A 561 5.95 3.96 34.34
C LEU A 561 7.40 3.82 33.88
N GLN A 562 7.59 3.19 32.71
CA GLN A 562 8.93 2.92 32.20
C GLN A 562 9.75 4.18 31.94
N THR A 563 9.10 5.24 31.47
CA THR A 563 9.85 6.46 31.19
C THR A 563 10.42 7.07 32.47
N VAL A 564 9.70 6.92 33.58
CA VAL A 564 10.22 7.34 34.88
C VAL A 564 11.34 6.41 35.36
N LEU A 565 11.14 5.11 35.21
CA LEU A 565 12.15 4.14 35.60
C LEU A 565 13.43 4.35 34.80
N ASP A 566 13.27 4.63 33.51
CA ASP A 566 14.42 4.88 32.65
C ASP A 566 15.25 6.08 33.13
N ASP A 567 14.60 7.22 33.32
CA ASP A 567 15.28 8.43 33.81
C ASP A 567 15.89 8.19 35.18
N MET A 568 15.20 7.42 36.01
CA MET A 568 15.72 7.11 37.34
C MET A 568 17.03 6.33 37.29
N TYR A 569 17.10 5.34 36.41
CA TYR A 569 18.28 4.46 36.35
C TYR A 569 19.45 5.04 35.58
N ASP A 570 19.20 5.78 34.51
CA ASP A 570 20.33 6.24 33.69
C ASP A 570 20.68 7.71 33.90
N THR A 571 20.03 8.35 34.86
CA THR A 571 20.25 9.78 35.09
C THR A 571 20.10 10.22 36.55
N TYR A 572 18.88 10.14 37.09
CA TYR A 572 18.57 10.75 38.37
C TYR A 572 19.12 10.03 39.60
N GLY A 573 18.99 8.70 39.63
CA GLY A 573 19.39 7.94 40.80
C GLY A 573 20.89 7.73 40.92
N THR A 574 21.36 7.64 42.16
CA THR A 574 22.76 7.28 42.38
C THR A 574 22.88 5.76 42.36
N LEU A 575 24.08 5.26 42.11
CA LEU A 575 24.28 3.83 42.05
C LEU A 575 23.87 3.12 43.34
N ASP A 576 24.21 3.72 44.49
CA ASP A 576 23.80 3.13 45.77
C ASP A 576 22.29 3.12 45.96
N GLU A 577 21.62 4.20 45.57
CA GLU A 577 20.15 4.21 45.57
C GLU A 577 19.60 3.13 44.62
N LEU A 578 20.15 3.07 43.42
CA LEU A 578 19.68 2.12 42.42
C LEU A 578 19.92 0.68 42.87
N LYS A 579 21.02 0.45 43.58
CA LYS A 579 21.28 -0.87 44.14
C LYS A 579 20.20 -1.25 45.13
N LEU A 580 19.79 -0.30 45.97
CA LEU A 580 18.68 -0.52 46.89
C LEU A 580 17.39 -0.78 46.13
N PHE A 581 17.12 0.03 45.13
CA PHE A 581 15.86 -0.14 44.37
C PHE A 581 15.86 -1.50 43.68
N THR A 582 17.03 -1.88 43.16
CA THR A 582 17.15 -3.14 42.46
C THR A 582 16.97 -4.34 43.41
N GLU A 583 17.41 -4.19 44.64
CA GLU A 583 17.16 -5.23 45.63
C GLU A 583 15.64 -5.33 45.92
N ALA A 584 14.97 -4.19 46.01
CA ALA A 584 13.53 -4.20 46.23
C ALA A 584 12.81 -4.90 45.07
N VAL A 585 13.36 -4.75 43.87
CA VAL A 585 12.80 -5.40 42.68
C VAL A 585 12.83 -6.92 42.84
N ARG A 586 13.93 -7.44 43.37
CA ARG A 586 14.07 -8.88 43.58
C ARG A 586 13.09 -9.43 44.61
N ARG A 587 12.75 -8.62 45.61
CA ARG A 587 12.02 -9.11 46.77
C ARG A 587 10.50 -9.16 46.62
N TRP A 588 9.94 -8.29 45.78
CA TRP A 588 8.49 -8.25 45.57
C TRP A 588 7.76 -8.10 46.90
N ASP A 589 8.28 -7.20 47.73
CA ASP A 589 7.81 -7.05 49.10
C ASP A 589 7.64 -5.56 49.39
N LEU A 590 6.40 -5.12 49.53
CA LEU A 590 6.14 -3.70 49.82
C LEU A 590 6.74 -3.25 51.16
N SER A 591 6.75 -4.14 52.15
CA SER A 591 7.30 -3.79 53.46
C SER A 591 8.81 -3.49 53.39
N PHE A 592 9.51 -4.11 52.44
CA PHE A 592 10.95 -3.89 52.30
C PHE A 592 11.28 -2.44 51.90
N THR A 593 10.28 -1.75 51.38
CA THR A 593 10.42 -0.38 50.89
C THR A 593 10.83 0.64 51.95
N GLU A 594 10.70 0.29 53.23
CA GLU A 594 11.09 1.20 54.31
C GLU A 594 12.53 1.69 54.16
N ASN A 595 13.37 0.86 53.52
CA ASN A 595 14.79 1.14 53.37
C ASN A 595 15.08 2.15 52.27
N LEU A 596 14.12 2.39 51.40
CA LEU A 596 14.35 3.18 50.20
C LEU A 596 14.24 4.68 50.48
N PRO A 597 14.93 5.50 49.67
CA PRO A 597 14.71 6.96 49.69
C PRO A 597 13.23 7.25 49.40
N ASP A 598 12.72 8.36 49.92
CA ASP A 598 11.29 8.67 49.78
C ASP A 598 10.77 8.56 48.35
N TYR A 599 11.50 9.10 47.39
CA TYR A 599 10.97 9.12 46.03
C TYR A 599 10.88 7.70 45.46
N MET A 600 11.81 6.86 45.90
CA MET A 600 11.84 5.46 45.51
C MET A 600 10.77 4.62 46.21
N LYS A 601 10.37 5.03 47.42
CA LYS A 601 9.24 4.41 48.09
C LYS A 601 7.98 4.58 47.25
N LEU A 602 7.77 5.79 46.77
CA LEU A 602 6.63 6.09 45.92
C LEU A 602 6.74 5.36 44.58
N CYS A 603 7.92 5.41 43.98
CA CYS A 603 8.11 4.77 42.69
C CYS A 603 7.86 3.28 42.80
N TYR A 604 8.35 2.65 43.86
CA TYR A 604 8.18 1.21 44.00
C TYR A 604 6.70 0.83 44.12
N GLN A 605 5.96 1.63 44.89
CA GLN A 605 4.53 1.39 45.09
CA GLN A 605 4.53 1.39 45.08
C GLN A 605 3.77 1.42 43.77
N ILE A 606 3.99 2.47 42.98
CA ILE A 606 3.32 2.61 41.69
C ILE A 606 3.69 1.45 40.76
N TYR A 607 4.98 1.13 40.72
CA TYR A 607 5.47 0.03 39.89
C TYR A 607 4.81 -1.28 40.30
N TYR A 608 4.80 -1.56 41.59
CA TYR A 608 4.22 -2.79 42.11
C TYR A 608 2.74 -2.88 41.73
N ASP A 609 2.02 -1.77 41.88
CA ASP A 609 0.60 -1.78 41.53
C ASP A 609 0.34 -1.97 40.04
N ILE A 610 1.10 -1.28 39.20
CA ILE A 610 0.91 -1.42 37.76
C ILE A 610 1.25 -2.83 37.29
N VAL A 611 2.36 -3.37 37.77
CA VAL A 611 2.72 -4.74 37.42
C VAL A 611 1.58 -5.72 37.72
N HIS A 612 1.02 -5.64 38.92
CA HIS A 612 0.01 -6.61 39.32
C HIS A 612 -1.39 -6.36 38.74
N GLU A 613 -1.70 -5.11 38.41
CA GLU A 613 -2.93 -4.83 37.64
C GLU A 613 -2.84 -5.45 36.25
N VAL A 614 -1.70 -5.24 35.59
CA VAL A 614 -1.49 -5.83 34.28
C VAL A 614 -1.59 -7.34 34.38
N ALA A 615 -0.95 -7.92 35.39
CA ALA A 615 -0.93 -9.36 35.53
C ALA A 615 -2.33 -9.92 35.78
N TRP A 616 -3.10 -9.26 36.65
CA TRP A 616 -4.48 -9.68 36.90
C TRP A 616 -5.33 -9.66 35.62
N GLU A 617 -5.22 -8.59 34.83
CA GLU A 617 -5.97 -8.49 33.58
C GLU A 617 -5.54 -9.59 32.61
N ALA A 618 -4.24 -9.87 32.55
CA ALA A 618 -3.72 -10.92 31.68
C ALA A 618 -4.22 -12.30 32.12
N GLU A 619 -4.23 -12.56 33.42
CA GLU A 619 -4.72 -13.84 33.91
C GLU A 619 -6.21 -14.01 33.60
N LYS A 620 -6.95 -12.91 33.67
CA LYS A 620 -8.37 -12.93 33.33
C LYS A 620 -8.58 -13.28 31.86
N GLU A 621 -7.85 -12.60 30.97
CA GLU A 621 -7.98 -12.86 29.54
C GLU A 621 -7.49 -14.26 29.17
N GLN A 622 -6.38 -14.69 29.75
CA GLN A 622 -5.68 -15.91 29.32
C GLN A 622 -6.12 -17.19 30.04
N GLY A 623 -6.75 -17.03 31.20
CA GLY A 623 -7.21 -18.18 31.98
C GLY A 623 -6.11 -19.06 32.53
N ARG A 624 -4.93 -18.49 32.75
CA ARG A 624 -3.82 -19.24 33.35
C ARG A 624 -2.92 -18.29 34.13
N GLU A 625 -2.07 -18.86 34.98
CA GLU A 625 -1.22 -18.06 35.85
C GLU A 625 -0.16 -17.31 35.05
N LEU A 626 0.00 -16.03 35.34
CA LEU A 626 0.97 -15.19 34.64
C LEU A 626 1.74 -14.23 35.54
N VAL A 627 1.35 -14.12 36.82
CA VAL A 627 2.08 -13.23 37.72
C VAL A 627 3.58 -13.56 37.74
N SER A 628 3.91 -14.83 37.86
CA SER A 628 5.31 -15.25 37.91
C SER A 628 6.05 -14.89 36.62
N PHE A 629 5.38 -15.08 35.49
CA PHE A 629 5.96 -14.76 34.19
C PHE A 629 6.23 -13.26 34.03
N PHE A 630 5.27 -12.44 34.46
CA PHE A 630 5.46 -10.98 34.41
C PHE A 630 6.55 -10.52 35.37
N ARG A 631 6.59 -11.10 36.57
CA ARG A 631 7.59 -10.71 37.55
C ARG A 631 9.01 -10.97 37.02
N LYS A 632 9.20 -12.11 36.37
CA LYS A 632 10.50 -12.44 35.80
C LYS A 632 10.89 -11.47 34.69
N GLY A 633 9.91 -11.14 33.84
CA GLY A 633 10.12 -10.16 32.80
C GLY A 633 10.55 -8.80 33.33
N TRP A 634 9.88 -8.35 34.39
CA TRP A 634 10.22 -7.08 35.04
C TRP A 634 11.59 -7.10 35.73
N GLU A 635 11.93 -8.23 36.37
CA GLU A 635 13.23 -8.36 37.02
C GLU A 635 14.34 -8.31 35.99
N ASP A 636 14.18 -9.04 34.89
CA ASP A 636 15.20 -9.09 33.85
C ASP A 636 15.42 -7.70 33.26
N TYR A 637 14.32 -6.98 33.07
CA TYR A 637 14.34 -5.64 32.52
C TYR A 637 15.09 -4.68 33.44
N LEU A 638 14.69 -4.62 34.70
CA LEU A 638 15.30 -3.69 35.64
C LEU A 638 16.70 -4.11 36.08
N LEU A 639 16.99 -5.41 36.07
CA LEU A 639 18.35 -5.86 36.32
C LEU A 639 19.23 -5.43 35.16
N GLY A 640 18.62 -5.32 33.98
CA GLY A 640 19.28 -4.80 32.80
C GLY A 640 19.63 -3.34 32.99
N TYR A 641 18.67 -2.54 33.43
CA TYR A 641 18.90 -1.14 33.77
C TYR A 641 20.05 -1.01 34.77
N TYR A 642 20.09 -1.91 35.75
CA TYR A 642 21.07 -1.81 36.81
C TYR A 642 22.48 -2.09 36.30
N GLU A 643 22.62 -3.12 35.48
CA GLU A 643 23.90 -3.42 34.83
C GLU A 643 24.40 -2.20 34.07
N GLU A 644 23.48 -1.54 33.37
CA GLU A 644 23.76 -0.34 32.59
C GLU A 644 24.21 0.79 33.52
N ALA A 645 23.55 0.90 34.68
CA ALA A 645 23.88 1.92 35.67
C ALA A 645 25.25 1.67 36.27
N GLU A 646 25.60 0.40 36.49
CA GLU A 646 26.93 0.06 36.97
C GLU A 646 27.98 0.51 35.95
N TRP A 647 27.69 0.31 34.68
CA TRP A 647 28.61 0.71 33.62
C TRP A 647 28.81 2.22 33.61
N LEU A 648 27.71 2.96 33.73
CA LEU A 648 27.75 4.41 33.74
C LEU A 648 28.61 4.94 34.90
N ALA A 649 28.40 4.37 36.08
CA ALA A 649 29.11 4.81 37.26
C ALA A 649 30.61 4.52 37.17
N ALA A 650 30.97 3.47 36.44
CA ALA A 650 32.37 3.06 36.30
C ALA A 650 33.00 3.65 35.04
N GLU A 651 32.22 4.41 34.29
CA GLU A 651 32.66 4.95 33.00
C GLU A 651 33.17 3.82 32.08
N TYR A 652 32.50 2.68 32.16
CA TYR A 652 32.84 1.51 31.37
C TYR A 652 32.16 1.55 30.01
N VAL A 653 32.93 1.34 28.94
CA VAL A 653 32.36 1.24 27.60
C VAL A 653 32.34 -0.22 27.18
N PRO A 654 31.13 -0.78 27.05
CA PRO A 654 31.02 -2.21 26.73
C PRO A 654 31.43 -2.50 25.29
N THR A 655 31.78 -3.75 25.02
CA THR A 655 31.92 -4.20 23.64
C THR A 655 30.56 -4.07 22.97
N LEU A 656 30.51 -4.11 21.64
CA LEU A 656 29.22 -4.00 20.97
C LEU A 656 28.34 -5.22 21.28
N ASP A 657 28.95 -6.41 21.33
CA ASP A 657 28.21 -7.60 21.74
C ASP A 657 27.56 -7.40 23.12
N GLU A 658 28.34 -6.94 24.09
CA GLU A 658 27.83 -6.69 25.44
C GLU A 658 26.71 -5.65 25.44
N TYR A 659 26.91 -4.60 24.65
CA TYR A 659 25.96 -3.50 24.60
C TYR A 659 24.62 -3.94 24.06
N ILE A 660 24.66 -4.71 22.98
CA ILE A 660 23.43 -5.18 22.35
C ILE A 660 22.74 -6.24 23.22
N LYS A 661 23.54 -7.11 23.82
CA LYS A 661 23.03 -8.10 24.75
C LYS A 661 22.24 -7.42 25.87
N ASN A 662 22.85 -6.42 26.50
CA ASN A 662 22.18 -5.66 27.55
C ASN A 662 20.99 -4.88 27.02
N GLY A 663 21.20 -4.20 25.89
CA GLY A 663 20.19 -3.32 25.33
C GLY A 663 18.91 -3.99 24.90
N ILE A 664 19.00 -5.20 24.36
CA ILE A 664 17.80 -5.97 24.00
C ILE A 664 16.91 -6.17 25.23
N THR A 665 17.53 -6.32 26.39
CA THR A 665 16.81 -6.54 27.65
C THR A 665 16.40 -5.23 28.33
N SER A 666 17.29 -4.25 28.32
CA SER A 666 17.07 -3.04 29.12
C SER A 666 16.26 -1.96 28.41
N ILE A 667 16.12 -2.08 27.08
CA ILE A 667 15.38 -1.08 26.32
C ILE A 667 13.91 -1.05 26.80
N GLY A 668 13.40 -2.20 27.23
CA GLY A 668 12.11 -2.26 27.88
C GLY A 668 10.92 -2.56 26.98
N GLN A 669 11.19 -2.71 25.69
CA GLN A 669 10.12 -2.99 24.73
C GLN A 669 9.52 -4.36 24.99
N ARG A 670 10.35 -5.31 25.42
CA ARG A 670 9.80 -6.64 25.62
C ARG A 670 8.67 -6.66 26.64
N ILE A 671 8.94 -6.14 27.84
CA ILE A 671 7.93 -6.19 28.91
C ILE A 671 6.75 -5.27 28.63
N LEU A 672 7.01 -4.16 27.93
CA LEU A 672 5.91 -3.27 27.49
C LEU A 672 4.96 -3.98 26.50
N LEU A 673 5.55 -4.63 25.50
CA LEU A 673 4.76 -5.35 24.50
C LEU A 673 3.92 -6.44 25.14
N LEU A 674 4.52 -7.19 26.07
CA LEU A 674 3.81 -8.25 26.79
C LEU A 674 2.62 -7.70 27.57
N SER A 675 2.76 -6.49 28.09
CA SER A 675 1.72 -5.86 28.90
C SER A 675 0.52 -5.43 28.07
N GLY A 676 0.66 -5.49 26.75
CA GLY A 676 -0.46 -5.21 25.87
C GLY A 676 -0.96 -6.47 25.18
N VAL A 677 -0.03 -7.27 24.70
CA VAL A 677 -0.37 -8.39 23.80
C VAL A 677 -1.11 -9.53 24.49
N LEU A 678 -0.88 -9.67 25.80
CA LEU A 678 -1.55 -10.71 26.60
C LEU A 678 -2.94 -10.29 27.07
N ILE A 679 -3.34 -9.07 26.76
CA ILE A 679 -4.65 -8.57 27.20
C ILE A 679 -5.45 -8.02 26.03
N MET A 680 -5.50 -8.80 24.96
CA MET A 680 -6.27 -8.42 23.78
C MET A 680 -7.54 -9.22 23.78
N ASP A 681 -8.66 -8.50 23.79
CA ASP A 681 -9.98 -9.12 23.85
C ASP A 681 -10.12 -10.31 22.90
N GLY A 682 -10.34 -11.49 23.46
CA GLY A 682 -10.61 -12.68 22.67
C GLY A 682 -9.41 -13.39 22.07
N GLN A 683 -8.21 -12.94 22.42
CA GLN A 683 -7.00 -13.46 21.79
C GLN A 683 -6.21 -14.34 22.74
N LEU A 684 -6.43 -15.65 22.65
CA LEU A 684 -5.81 -16.60 23.57
C LEU A 684 -4.39 -16.97 23.16
N LEU A 685 -3.46 -16.80 24.09
CA LEU A 685 -2.06 -17.17 23.87
C LEU A 685 -1.60 -18.19 24.88
N SER A 686 -1.48 -19.45 24.46
CA SER A 686 -0.89 -20.46 25.32
C SER A 686 0.58 -20.12 25.52
N GLN A 687 1.22 -20.81 26.47
CA GLN A 687 2.66 -20.65 26.64
C GLN A 687 3.36 -21.00 25.34
N GLU A 688 2.91 -22.07 24.70
CA GLU A 688 3.53 -22.53 23.47
C GLU A 688 3.42 -21.47 22.37
N ALA A 689 2.23 -20.87 22.24
CA ALA A 689 2.04 -19.87 21.20
C ALA A 689 2.82 -18.61 21.53
N LEU A 690 2.84 -18.21 22.81
CA LEU A 690 3.57 -17.01 23.22
C LEU A 690 5.05 -17.16 22.91
N GLU A 691 5.62 -18.34 23.17
CA GLU A 691 7.04 -18.57 22.91
C GLU A 691 7.42 -18.40 21.44
N LYS A 692 6.44 -18.50 20.54
CA LYS A 692 6.68 -18.29 19.13
C LYS A 692 6.94 -16.83 18.79
N VAL A 693 6.44 -15.93 19.64
CA VAL A 693 6.59 -14.49 19.42
C VAL A 693 7.39 -13.78 20.51
N ASP A 694 7.66 -14.48 21.60
CA ASP A 694 8.39 -13.90 22.73
C ASP A 694 9.26 -14.97 23.38
N TYR A 695 10.57 -14.74 23.35
CA TYR A 695 11.54 -15.71 23.83
C TYR A 695 12.92 -15.08 23.87
N PRO A 696 13.29 -14.49 25.01
CA PRO A 696 14.59 -13.84 25.13
C PRO A 696 15.69 -14.78 24.65
N GLY A 697 16.56 -14.29 23.77
CA GLY A 697 17.67 -15.08 23.27
C GLY A 697 17.41 -15.65 21.89
N ARG A 698 16.18 -15.49 21.42
CA ARG A 698 15.79 -15.95 20.08
C ARG A 698 15.24 -14.82 19.24
N ARG A 699 15.41 -14.94 17.93
CA ARG A 699 14.99 -13.89 17.01
C ARG A 699 13.49 -13.98 16.69
N VAL A 700 12.68 -13.79 17.74
CA VAL A 700 11.22 -13.74 17.61
C VAL A 700 10.75 -12.28 17.71
N LEU A 701 9.46 -12.05 17.45
CA LEU A 701 8.94 -10.69 17.34
C LEU A 701 9.37 -9.73 18.46
N THR A 702 9.19 -10.11 19.72
CA THR A 702 9.52 -9.17 20.80
C THR A 702 11.02 -8.89 20.85
N GLU A 703 11.82 -9.89 20.50
CA GLU A 703 13.27 -9.73 20.57
C GLU A 703 13.74 -8.83 19.44
N LEU A 704 13.15 -9.01 18.25
CA LEU A 704 13.52 -8.22 17.08
C LEU A 704 13.07 -6.78 17.24
N ASN A 705 11.90 -6.60 17.84
CA ASN A 705 11.45 -5.25 18.16
C ASN A 705 12.42 -4.56 19.12
N SER A 706 12.85 -5.28 20.15
CA SER A 706 13.78 -4.72 21.13
C SER A 706 15.09 -4.31 20.45
N LEU A 707 15.62 -5.21 19.64
CA LEU A 707 16.87 -4.96 18.92
C LEU A 707 16.74 -3.76 17.98
N ILE A 708 15.69 -3.76 17.16
CA ILE A 708 15.45 -2.67 16.24
C ILE A 708 15.26 -1.35 16.97
N SER A 709 14.49 -1.37 18.07
CA SER A 709 14.26 -0.17 18.84
C SER A 709 15.56 0.42 19.39
N ARG A 710 16.38 -0.43 20.00
CA ARG A 710 17.63 0.00 20.59
C ARG A 710 18.55 0.64 19.54
N LEU A 711 18.75 -0.06 18.43
CA LEU A 711 19.69 0.40 17.41
C LEU A 711 19.11 1.56 16.61
N ALA A 712 17.82 1.51 16.32
CA ALA A 712 17.19 2.61 15.61
C ALA A 712 17.30 3.87 16.46
N ASP A 713 17.00 3.75 17.75
CA ASP A 713 17.17 4.88 18.65
C ASP A 713 18.60 5.43 18.55
N ASP A 714 19.58 4.55 18.64
CA ASP A 714 20.98 4.96 18.55
C ASP A 714 21.26 5.76 17.27
N THR A 715 20.76 5.26 16.14
CA THR A 715 21.01 5.92 14.85
C THR A 715 20.41 7.32 14.82
N LYS A 716 19.31 7.50 15.55
CA LYS A 716 18.59 8.77 15.57
C LYS A 716 19.17 9.77 16.57
N THR A 717 19.85 9.29 17.61
CA THR A 717 20.16 10.14 18.76
C THR A 717 21.61 10.16 19.25
N TYR A 718 22.46 9.28 18.74
CA TYR A 718 23.80 9.11 19.33
C TYR A 718 24.67 10.39 19.36
N LYS A 719 24.48 11.29 18.40
CA LYS A 719 25.30 12.50 18.33
C LYS A 719 24.97 13.50 19.44
N ALA A 720 23.70 13.60 19.79
CA ALA A 720 23.27 14.47 20.88
C ALA A 720 23.86 13.96 22.19
N GLU A 721 23.86 12.63 22.33
CA GLU A 721 24.36 11.98 23.54
C GLU A 721 25.88 12.00 23.62
N LYS A 722 26.53 12.19 22.48
CA LYS A 722 27.98 12.34 22.46
C LYS A 722 28.37 13.71 22.99
N ALA A 723 27.76 14.76 22.43
CA ALA A 723 28.06 16.13 22.82
C ALA A 723 27.60 16.42 24.25
N ARG A 724 26.80 15.52 24.82
CA ARG A 724 26.33 15.68 26.19
C ARG A 724 27.15 14.83 27.16
N GLY A 725 28.25 14.28 26.68
CA GLY A 725 29.12 13.43 27.48
C GLY A 725 28.38 12.27 28.10
N GLU A 726 27.51 11.65 27.31
CA GLU A 726 26.60 10.64 27.83
C GLU A 726 27.13 9.21 27.67
N LEU A 727 26.40 8.26 28.27
CA LEU A 727 26.70 6.84 28.16
C LEU A 727 26.86 6.40 26.71
N ALA A 728 27.96 5.72 26.41
CA ALA A 728 28.25 5.25 25.06
C ALA A 728 27.07 4.52 24.44
N SER A 729 26.88 4.72 23.13
CA SER A 729 25.87 4.03 22.34
C SER A 729 26.51 2.90 21.53
N SER A 730 25.71 2.26 20.69
CA SER A 730 26.21 1.19 19.84
C SER A 730 27.33 1.67 18.92
N ILE A 731 27.17 2.88 18.37
CA ILE A 731 28.24 3.47 17.55
C ILE A 731 29.55 3.56 18.33
N GLU A 732 29.51 4.15 19.53
CA GLU A 732 30.75 4.32 20.29
C GLU A 732 31.37 2.98 20.68
N CYS A 733 30.52 2.00 20.95
CA CYS A 733 30.99 0.68 21.37
C CYS A 733 31.72 0.00 20.22
N TYR A 734 31.21 0.17 19.01
CA TYR A 734 31.83 -0.39 17.83
C TYR A 734 33.19 0.24 17.56
N MET A 735 33.30 1.55 17.83
CA MET A 735 34.57 2.25 17.60
C MET A 735 35.63 1.87 18.64
N LYS A 736 35.20 1.50 19.84
CA LYS A 736 36.15 0.97 20.82
C LYS A 736 36.60 -0.42 20.38
N ASP A 737 35.66 -1.23 19.90
CA ASP A 737 35.98 -2.55 19.35
C ASP A 737 36.90 -2.47 18.13
N HIS A 738 36.76 -1.38 17.37
CA HIS A 738 37.52 -1.22 16.14
C HIS A 738 38.17 0.16 16.07
N PRO A 739 39.27 0.33 16.83
CA PRO A 739 39.98 1.59 17.08
C PRO A 739 40.35 2.33 15.80
N GLU A 740 40.43 1.61 14.69
CA GLU A 740 40.88 2.18 13.43
C GLU A 740 39.71 2.67 12.58
N CYS A 741 38.55 2.05 12.75
CA CYS A 741 37.36 2.37 11.97
C CYS A 741 36.90 3.81 12.20
N THR A 742 36.27 4.39 11.17
CA THR A 742 35.71 5.73 11.29
C THR A 742 34.31 5.68 11.89
N GLU A 743 33.83 6.84 12.32
CA GLU A 743 32.47 6.97 12.84
C GLU A 743 31.49 6.58 11.75
N GLU A 744 31.81 6.95 10.51
CA GLU A 744 30.94 6.62 9.37
C GLU A 744 30.81 5.12 9.20
N GLU A 745 31.93 4.41 9.27
CA GLU A 745 31.94 2.97 9.16
C GLU A 745 31.16 2.36 10.32
N ALA A 746 31.30 2.97 11.50
CA ALA A 746 30.58 2.53 12.70
C ALA A 746 29.07 2.58 12.49
N LEU A 747 28.57 3.73 12.02
CA LEU A 747 27.14 3.87 11.77
C LEU A 747 26.67 2.90 10.69
N ASP A 748 27.46 2.77 9.63
CA ASP A 748 27.17 1.82 8.57
C ASP A 748 26.98 0.42 9.13
N HIS A 749 27.83 0.04 10.09
CA HIS A 749 27.74 -1.29 10.67
C HIS A 749 26.43 -1.48 11.43
N ILE A 750 26.04 -0.46 12.20
CA ILE A 750 24.78 -0.56 12.94
C ILE A 750 23.61 -0.76 11.97
N TYR A 751 23.63 -0.05 10.84
CA TYR A 751 22.60 -0.23 9.83
C TYR A 751 22.61 -1.64 9.20
N SER A 752 23.81 -2.23 9.09
CA SER A 752 23.95 -3.58 8.55
C SER A 752 23.35 -4.62 9.49
N ILE A 753 23.14 -4.23 10.74
CA ILE A 753 22.46 -5.08 11.71
C ILE A 753 20.95 -4.85 11.67
N LEU A 754 20.54 -3.58 11.52
CA LEU A 754 19.12 -3.22 11.44
C LEU A 754 18.39 -3.84 10.25
N GLU A 755 19.00 -3.73 9.07
CA GLU A 755 18.31 -4.14 7.84
C GLU A 755 17.90 -5.62 7.84
N PRO A 756 18.84 -6.53 8.17
CA PRO A 756 18.47 -7.94 8.30
C PRO A 756 17.39 -8.15 9.37
N ALA A 757 17.50 -7.44 10.49
CA ALA A 757 16.52 -7.56 11.56
C ALA A 757 15.12 -7.17 11.10
N VAL A 758 15.04 -6.08 10.35
CA VAL A 758 13.77 -5.63 9.78
C VAL A 758 13.14 -6.68 8.85
N LYS A 759 13.97 -7.31 8.01
CA LYS A 759 13.47 -8.39 7.16
C LYS A 759 12.93 -9.57 7.97
N GLU A 760 13.68 -9.98 9.01
CA GLU A 760 13.22 -11.05 9.90
C GLU A 760 11.91 -10.69 10.61
N LEU A 761 11.80 -9.44 11.03
CA LEU A 761 10.58 -8.95 11.69
C LEU A 761 9.38 -9.14 10.76
N THR A 762 9.59 -8.83 9.48
CA THR A 762 8.53 -8.92 8.49
C THR A 762 8.09 -10.37 8.28
N ARG A 763 9.04 -11.27 8.17
CA ARG A 763 8.73 -12.69 8.00
C ARG A 763 8.03 -13.25 9.24
N GLU A 764 8.54 -12.89 10.42
CA GLU A 764 7.91 -13.38 11.66
C GLU A 764 6.46 -12.93 11.76
N PHE A 765 6.22 -11.69 11.36
CA PHE A 765 4.87 -11.13 11.34
C PHE A 765 3.97 -11.90 10.37
N LEU A 766 4.40 -12.03 9.12
CA LEU A 766 3.51 -12.57 8.09
C LEU A 766 3.51 -14.10 7.99
N LYS A 767 4.52 -14.73 8.58
CA LYS A 767 4.64 -16.18 8.56
C LYS A 767 3.35 -16.90 8.93
N PRO A 768 2.97 -17.91 8.15
CA PRO A 768 1.81 -18.72 8.52
C PRO A 768 2.13 -19.52 9.78
N ASP A 769 1.24 -19.46 10.77
CA ASP A 769 1.40 -20.18 12.01
C ASP A 769 0.07 -20.18 12.75
N ASP A 770 0.08 -20.69 13.98
CA ASP A 770 -1.15 -20.76 14.76
C ASP A 770 -1.19 -19.76 15.92
N VAL A 771 -0.37 -18.72 15.83
CA VAL A 771 -0.46 -17.61 16.76
C VAL A 771 -1.59 -16.70 16.30
N PRO A 772 -2.52 -16.33 17.22
CA PRO A 772 -3.60 -15.40 16.86
C PRO A 772 -3.03 -14.20 16.12
N PHE A 773 -3.52 -13.90 14.92
CA PHE A 773 -2.87 -12.91 14.08
C PHE A 773 -2.93 -11.50 14.68
N ALA A 774 -4.01 -11.19 15.38
CA ALA A 774 -4.15 -9.89 16.04
C ALA A 774 -2.98 -9.63 16.98
N CYS A 775 -2.49 -10.68 17.63
CA CYS A 775 -1.36 -10.53 18.55
C CYS A 775 -0.09 -10.22 17.79
N LYS A 776 0.16 -10.94 16.70
CA LYS A 776 1.34 -10.69 15.86
C LYS A 776 1.28 -9.28 15.27
N LYS A 777 0.10 -8.88 14.81
CA LYS A 777 -0.11 -7.55 14.25
C LYS A 777 0.14 -6.46 15.28
N MET A 778 -0.37 -6.66 16.50
CA MET A 778 -0.14 -5.70 17.57
C MET A 778 1.37 -5.50 17.81
N LEU A 779 2.12 -6.59 17.84
CA LEU A 779 3.58 -6.50 18.04
C LEU A 779 4.26 -5.79 16.88
N PHE A 780 3.89 -6.17 15.66
CA PHE A 780 4.47 -5.60 14.47
C PHE A 780 4.16 -4.11 14.30
N GLU A 781 2.89 -3.75 14.50
CA GLU A 781 2.45 -2.36 14.34
C GLU A 781 3.08 -1.44 15.38
N GLU A 782 3.34 -1.94 16.59
CA GLU A 782 4.04 -1.12 17.56
C GLU A 782 5.47 -0.87 17.07
N THR A 783 6.07 -1.91 16.49
CA THR A 783 7.39 -1.77 15.89
C THR A 783 7.37 -0.71 14.77
N ARG A 784 6.34 -0.76 13.91
CA ARG A 784 6.28 0.18 12.79
C ARG A 784 6.19 1.63 13.27
N VAL A 785 5.38 1.86 14.31
CA VAL A 785 5.25 3.20 14.86
C VAL A 785 6.55 3.63 15.53
N THR A 786 7.20 2.72 16.24
CA THR A 786 8.54 2.98 16.80
C THR A 786 9.51 3.38 15.70
N MET A 787 9.46 2.68 14.57
CA MET A 787 10.39 2.95 13.48
C MET A 787 10.12 4.31 12.86
N VAL A 788 8.89 4.78 12.94
CA VAL A 788 8.58 6.11 12.46
C VAL A 788 9.30 7.16 13.32
N ILE A 789 9.24 6.97 14.63
CA ILE A 789 9.83 7.92 15.56
C ILE A 789 11.34 8.05 15.38
N PHE A 790 11.98 6.94 15.01
CA PHE A 790 13.44 6.94 14.86
C PHE A 790 13.92 6.91 13.40
N LYS A 791 13.02 7.22 12.47
CA LYS A 791 13.38 7.17 11.05
C LYS A 791 14.36 8.27 10.66
N ASP A 792 15.05 8.06 9.54
CA ASP A 792 16.06 9.00 9.07
C ASP A 792 17.07 9.29 10.17
N GLY A 793 17.81 8.25 10.54
CA GLY A 793 18.77 8.33 11.64
C GLY A 793 20.07 9.00 11.24
N ASP A 794 20.19 10.28 11.57
CA ASP A 794 21.41 11.02 11.32
C ASP A 794 22.21 11.18 12.61
N GLY A 795 22.16 12.37 13.19
CA GLY A 795 22.81 12.64 14.45
C GLY A 795 22.03 12.08 15.62
N PHE A 796 21.16 12.86 16.27
CA PHE A 796 20.92 14.29 16.05
C PHE A 796 19.65 14.66 16.84
N GLY A 797 18.92 13.63 17.24
CA GLY A 797 17.73 13.81 18.07
C GLY A 797 16.43 13.43 17.40
N VAL A 798 15.48 13.02 18.21
CA VAL A 798 14.11 12.79 17.76
C VAL A 798 13.42 14.14 17.57
N SER A 799 12.63 14.26 16.51
CA SER A 799 11.86 15.47 16.27
C SER A 799 10.63 15.51 17.16
N LYS A 800 10.66 16.35 18.18
CA LYS A 800 9.51 16.53 19.07
C LYS A 800 8.31 17.07 18.29
N LEU A 801 8.59 17.94 17.32
CA LEU A 801 7.53 18.56 16.54
C LEU A 801 6.84 17.55 15.62
N GLU A 802 7.63 16.64 15.04
CA GLU A 802 7.05 15.62 14.17
C GLU A 802 6.12 14.71 14.97
N VAL A 803 6.52 14.37 16.19
CA VAL A 803 5.71 13.53 17.06
C VAL A 803 4.38 14.20 17.37
N LYS A 804 4.43 15.46 17.78
CA LYS A 804 3.23 16.22 18.08
C LYS A 804 2.28 16.27 16.88
N ASP A 805 2.84 16.52 15.69
CA ASP A 805 2.06 16.58 14.46
C ASP A 805 1.39 15.26 14.12
N HIS A 806 2.09 14.15 14.41
CA HIS A 806 1.52 12.84 14.18
C HIS A 806 0.33 12.57 15.10
N ILE A 807 0.47 12.97 16.35
CA ILE A 807 -0.62 12.85 17.31
C ILE A 807 -1.82 13.71 16.91
N LYS A 808 -1.56 14.94 16.46
CA LYS A 808 -2.61 15.82 15.98
C LYS A 808 -3.37 15.17 14.83
N GLU A 809 -2.62 14.67 13.84
CA GLU A 809 -3.22 14.09 12.64
C GLU A 809 -3.98 12.80 12.98
N CYS A 810 -3.39 11.99 13.85
CA CYS A 810 -3.92 10.67 14.13
C CYS A 810 -5.12 10.70 15.07
N LEU A 811 -5.01 11.49 16.14
CA LEU A 811 -5.92 11.40 17.29
C LEU A 811 -6.76 12.64 17.58
N ILE A 812 -6.36 13.79 17.07
CA ILE A 812 -7.03 15.02 17.47
C ILE A 812 -7.96 15.58 16.40
N GLU A 813 -7.48 15.68 15.17
CA GLU A 813 -8.21 16.33 14.10
C GLU A 813 -8.99 15.33 13.24
N PRO A 814 -10.33 15.46 13.25
CA PRO A 814 -11.15 14.53 12.46
C PRO A 814 -11.11 14.87 10.98
N LEU A 815 -11.55 13.93 10.15
CA LEU A 815 -11.75 14.20 8.74
C LEU A 815 -13.05 14.96 8.53
N PRO A 816 -13.01 16.01 7.70
CA PRO A 816 -14.25 16.67 7.28
C PRO A 816 -15.07 15.67 6.45
N LEU A 817 -16.38 15.66 6.64
CA LEU A 817 -17.23 14.72 5.91
C LEU A 817 -17.95 15.39 4.75
#